data_7AHB
#
_entry.id   7AHB
#
_cell.length_a   51.374
_cell.length_b   58.355
_cell.length_c   65.857
_cell.angle_alpha   65.839
_cell.angle_beta   73.279
_cell.angle_gamma   71.019
#
_symmetry.space_group_name_H-M   'P 1'
#
loop_
_entity.id
_entity.type
_entity.pdbx_description
1 polymer 'Phthiocerol synthesis polyketide synthase type I PpsC'
2 non-polymer GLYCEROL
3 non-polymer 'SULFATE ION'
4 non-polymer 'THIOCYANATE ION'
5 non-polymer 'SODIUM ION'
6 water water
#
_entity_poly.entity_id   1
_entity_poly.type   'polypeptide(L)'
_entity_poly.pdbx_seq_one_letter_code
;MGSSHHHHHHSSGLVPRGSHMSGGLRALAAGQSAPGVVAPREGSIGGGTVFVYSGRGSQWAGMGRQLLADEPAFAAAIAE
LEPEFVAQGGFSLRDVIAGGKELVGIEQIQLGLIGMQLALTALWRSYGVTPDAVIGHSMGEVAAAVVAGALTPAQGLRVT
AVRSRLMAPLSGQGTMALLELDAEATEALIADYPEVSLGIYASPRQTVISGPPLLIDELIDKVRQQNGFATRVNIEVAPH
NPAMDALQPAMRSELADLTPQPPTIPIISTTYADLGISLGSGPRFDAEHWATNMRNPVRFHQAIAHAGADHHTFIEISAH
PLLTHSISDTLRASYDVDNYLSIGTLQRDAHDTLASTSGS
;
_entity_poly.pdbx_strand_id   A,B
#
loop_
_chem_comp.id
_chem_comp.type
_chem_comp.name
_chem_comp.formula
GOL non-polymer GLYCEROL 'C3 H8 O3'
NA non-polymer 'SODIUM ION' 'Na 1'
SCN non-polymer 'THIOCYANATE ION' 'C N S -1'
SO4 non-polymer 'SULFATE ION' 'O4 S -2'
#
# COMPACT_ATOMS: atom_id res chain seq x y z
N ARG A 17 9.53 -29.30 4.77
CA ARG A 17 8.68 -30.22 5.53
C ARG A 17 7.28 -29.63 5.71
N GLY A 18 7.21 -28.40 6.22
CA GLY A 18 5.96 -27.70 6.40
C GLY A 18 4.82 -28.59 6.88
N SER A 19 5.01 -29.21 8.04
CA SER A 19 4.03 -30.19 8.51
C SER A 19 2.64 -29.58 8.65
N HIS A 20 2.56 -28.29 8.97
CA HIS A 20 1.29 -27.65 9.27
C HIS A 20 0.82 -26.72 8.15
N MET A 21 1.34 -26.89 6.95
CA MET A 21 0.92 -26.10 5.81
C MET A 21 -0.27 -26.76 5.11
N SER A 22 -1.14 -25.93 4.54
CA SER A 22 -2.17 -26.44 3.67
C SER A 22 -1.53 -27.05 2.42
N GLY A 23 -2.30 -27.88 1.73
CA GLY A 23 -1.78 -28.52 0.51
C GLY A 23 -1.28 -27.51 -0.51
N GLY A 24 -2.07 -26.47 -0.77
CA GLY A 24 -1.67 -25.49 -1.75
C GLY A 24 -0.37 -24.79 -1.38
N LEU A 25 -0.25 -24.36 -0.13
CA LEU A 25 0.96 -23.67 0.30
C LEU A 25 2.15 -24.61 0.35
N ARG A 26 1.97 -25.82 0.88
CA ARG A 26 3.07 -26.77 0.95
C ARG A 26 3.63 -27.07 -0.43
N ALA A 27 2.73 -27.23 -1.43
CA ALA A 27 3.19 -27.54 -2.78
C ALA A 27 4.06 -26.41 -3.33
N LEU A 28 3.69 -25.16 -3.05
CA LEU A 28 4.53 -24.04 -3.45
C LEU A 28 5.80 -23.99 -2.63
N ALA A 29 5.71 -24.28 -1.33
CA ALA A 29 6.89 -24.21 -0.47
C ALA A 29 7.99 -25.16 -0.94
N ALA A 30 7.61 -26.34 -1.41
CA ALA A 30 8.59 -27.29 -1.93
C ALA A 30 9.00 -27.00 -3.36
N GLY A 31 8.33 -26.07 -4.03
CA GLY A 31 8.59 -25.80 -5.42
C GLY A 31 7.92 -26.74 -6.40
N GLN A 32 7.08 -27.65 -5.90
CA GLN A 32 6.39 -28.58 -6.80
C GLN A 32 5.42 -27.84 -7.71
N SER A 33 4.80 -26.77 -7.21
CA SER A 33 3.95 -25.91 -8.02
C SER A 33 4.75 -24.70 -8.48
N ALA A 34 4.35 -24.16 -9.64
CA ALA A 34 5.00 -22.98 -10.19
C ALA A 34 4.59 -21.73 -9.41
N PRO A 35 5.34 -20.64 -9.56
CA PRO A 35 4.99 -19.41 -8.83
C PRO A 35 3.52 -19.05 -8.96
N GLY A 36 2.88 -18.81 -7.81
CA GLY A 36 1.54 -18.29 -7.75
C GLY A 36 0.43 -19.23 -8.18
N VAL A 37 0.72 -20.51 -8.29
CA VAL A 37 -0.23 -21.44 -8.90
C VAL A 37 -1.38 -21.75 -7.96
N VAL A 38 -1.07 -22.36 -6.82
CA VAL A 38 -2.09 -22.87 -5.90
C VAL A 38 -2.87 -24.01 -6.57
N SER A 44 -11.11 -27.27 -13.92
CA SER A 44 -10.11 -26.26 -13.58
C SER A 44 -10.78 -25.08 -12.88
N ILE A 45 -9.98 -24.28 -12.17
CA ILE A 45 -10.51 -23.16 -11.42
C ILE A 45 -10.60 -21.94 -12.33
N GLY A 46 -11.47 -21.02 -11.98
CA GLY A 46 -11.56 -19.74 -12.66
C GLY A 46 -10.56 -18.74 -12.10
N GLY A 47 -10.69 -17.50 -12.59
CA GLY A 47 -9.76 -16.46 -12.19
C GLY A 47 -10.15 -15.75 -10.94
N GLY A 48 -9.22 -14.98 -10.41
CA GLY A 48 -9.48 -14.15 -9.24
C GLY A 48 -9.21 -14.81 -7.91
N THR A 49 -8.51 -14.10 -7.01
CA THR A 49 -8.14 -14.64 -5.71
C THR A 49 -8.58 -13.68 -4.61
N VAL A 50 -9.20 -14.23 -3.57
CA VAL A 50 -9.65 -13.48 -2.42
C VAL A 50 -8.93 -14.00 -1.19
N PHE A 51 -8.32 -13.10 -0.43
CA PHE A 51 -7.76 -13.45 0.88
C PHE A 51 -8.79 -13.15 1.95
N VAL A 52 -9.07 -14.13 2.82
CA VAL A 52 -10.09 -14.01 3.87
C VAL A 52 -9.40 -14.02 5.23
N TYR A 53 -9.63 -12.96 6.01
CA TYR A 53 -8.99 -12.80 7.32
C TYR A 53 -10.03 -13.10 8.40
N SER A 54 -9.79 -14.17 9.15
CA SER A 54 -10.71 -14.61 10.18
C SER A 54 -10.56 -13.73 11.42
N GLY A 55 -11.62 -13.69 12.20
CA GLY A 55 -11.64 -12.94 13.43
C GLY A 55 -11.33 -13.73 14.67
N ARG A 56 -11.13 -15.03 14.54
CA ARG A 56 -10.90 -15.90 15.70
C ARG A 56 -9.42 -16.21 15.84
N GLY A 57 -8.93 -16.13 17.08
CA GLY A 57 -7.59 -16.61 17.37
C GLY A 57 -7.61 -18.13 17.44
N SER A 58 -6.63 -18.77 16.78
CA SER A 58 -6.61 -20.21 16.66
C SER A 58 -5.22 -20.75 16.91
N GLN A 59 -4.52 -20.16 17.87
CA GLN A 59 -3.17 -20.59 18.19
C GLN A 59 -3.12 -22.10 18.47
N TRP A 60 -2.09 -22.75 17.95
CA TRP A 60 -1.80 -24.13 18.29
C TRP A 60 -0.34 -24.24 18.68
N ALA A 61 -0.05 -25.25 19.50
CA ALA A 61 1.27 -25.44 20.10
C ALA A 61 2.35 -25.49 19.05
N GLY A 62 3.27 -24.52 19.12
CA GLY A 62 4.35 -24.43 18.18
C GLY A 62 4.01 -23.72 16.89
N MET A 63 2.88 -23.06 16.84
CA MET A 63 2.44 -22.30 15.68
C MET A 63 3.56 -21.39 15.19
N GLY A 64 3.95 -21.56 13.93
CA GLY A 64 4.92 -20.68 13.31
C GLY A 64 6.36 -20.99 13.61
N ARG A 65 6.64 -21.92 14.53
CA ARG A 65 8.03 -22.18 14.92
C ARG A 65 8.86 -22.62 13.72
N GLN A 66 8.39 -23.62 12.97
CA GLN A 66 9.16 -24.08 11.83
C GLN A 66 9.13 -23.04 10.70
N LEU A 67 8.05 -22.27 10.59
CA LEU A 67 8.01 -21.21 9.60
C LEU A 67 9.12 -20.20 9.86
N LEU A 68 9.29 -19.79 11.12
CA LEU A 68 10.29 -18.78 11.45
C LEU A 68 11.68 -19.20 11.01
N ALA A 69 11.98 -20.50 11.05
CA ALA A 69 13.31 -20.97 10.71
C ALA A 69 13.47 -21.33 9.24
N ASP A 70 12.38 -21.63 8.52
CA ASP A 70 12.49 -22.19 7.17
C ASP A 70 11.90 -21.31 6.08
N GLU A 71 11.24 -20.21 6.42
CA GLU A 71 10.51 -19.39 5.46
C GLU A 71 10.92 -17.94 5.70
N PRO A 72 11.97 -17.48 4.99
CA PRO A 72 12.49 -16.13 5.26
C PRO A 72 11.48 -15.02 5.13
N ALA A 73 10.52 -15.11 4.20
CA ALA A 73 9.52 -14.07 4.10
C ALA A 73 8.68 -13.98 5.37
N PHE A 74 8.35 -15.13 5.94
CA PHE A 74 7.60 -15.12 7.20
C PHE A 74 8.44 -14.49 8.30
N ALA A 75 9.72 -14.90 8.39
CA ALA A 75 10.61 -14.38 9.43
C ALA A 75 10.85 -12.88 9.28
N ALA A 76 10.93 -12.39 8.04
CA ALA A 76 11.14 -10.96 7.82
C ALA A 76 9.94 -10.17 8.35
N ALA A 77 8.73 -10.63 8.04
CA ALA A 77 7.52 -9.95 8.50
C ALA A 77 7.46 -9.91 10.02
N ILE A 78 7.69 -11.06 10.66
CA ILE A 78 7.70 -11.11 12.13
C ILE A 78 8.75 -10.14 12.68
N ALA A 79 9.95 -10.19 12.11
CA ALA A 79 11.02 -9.26 12.51
C ALA A 79 10.61 -7.81 12.34
N GLU A 80 9.91 -7.48 11.23
CA GLU A 80 9.55 -6.09 10.96
C GLU A 80 8.46 -5.60 11.91
N LEU A 81 7.54 -6.49 12.27
CA LEU A 81 6.49 -6.10 13.22
C LEU A 81 7.01 -5.97 14.64
N GLU A 82 8.02 -6.76 15.01
CA GLU A 82 8.38 -6.90 16.41
C GLU A 82 8.62 -5.58 17.11
N PRO A 83 9.32 -4.59 16.54
CA PRO A 83 9.53 -3.34 17.28
C PRO A 83 8.23 -2.66 17.68
N GLU A 84 7.27 -2.58 16.77
CA GLU A 84 6.00 -1.96 17.12
C GLU A 84 5.26 -2.76 18.19
N PHE A 85 5.23 -4.09 18.06
CA PHE A 85 4.61 -4.92 19.08
C PHE A 85 5.20 -4.66 20.45
N VAL A 86 6.54 -4.69 20.54
CA VAL A 86 7.20 -4.48 21.83
C VAL A 86 6.72 -3.17 22.45
N ALA A 87 6.68 -2.11 21.66
CA ALA A 87 6.32 -0.80 22.17
C ALA A 87 4.82 -0.53 22.16
N GLN A 88 4.05 -1.19 21.29
N GLN A 88 4.03 -1.18 21.32
CA GLN A 88 2.60 -1.00 21.24
CA GLN A 88 2.59 -0.96 21.32
C GLN A 88 1.83 -2.06 22.03
C GLN A 88 1.83 -2.12 21.94
N GLY A 89 2.52 -3.10 22.53
CA GLY A 89 1.84 -4.20 23.19
C GLY A 89 2.56 -4.82 24.37
N GLY A 90 3.75 -4.33 24.68
CA GLY A 90 4.55 -4.89 25.76
C GLY A 90 4.75 -6.39 25.67
N PHE A 91 4.57 -6.96 24.48
CA PHE A 91 4.57 -8.40 24.26
C PHE A 91 5.38 -8.67 23.01
N SER A 92 6.08 -9.80 23.00
CA SER A 92 6.94 -10.18 21.88
C SER A 92 6.29 -11.32 21.11
N LEU A 93 5.81 -11.03 19.90
CA LEU A 93 5.32 -12.11 19.05
C LEU A 93 6.44 -13.04 18.63
N ARG A 94 7.62 -12.48 18.33
CA ARG A 94 8.77 -13.30 17.97
C ARG A 94 9.06 -14.35 19.04
N ASP A 95 9.00 -13.95 20.31
CA ASP A 95 9.27 -14.90 21.39
C ASP A 95 8.13 -15.90 21.57
N VAL A 96 6.88 -15.46 21.40
CA VAL A 96 5.76 -16.40 21.45
C VAL A 96 5.96 -17.51 20.42
N ILE A 97 6.28 -17.12 19.18
CA ILE A 97 6.37 -18.11 18.11
C ILE A 97 7.56 -19.01 18.32
N ALA A 98 8.72 -18.42 18.65
CA ALA A 98 9.93 -19.21 18.80
C ALA A 98 9.84 -20.13 20.01
N GLY A 99 9.35 -19.61 21.13
CA GLY A 99 9.21 -20.37 22.36
C GLY A 99 7.90 -21.12 22.51
N GLY A 100 7.09 -21.17 21.46
CA GLY A 100 5.83 -21.91 21.53
C GLY A 100 4.98 -21.54 22.73
N LYS A 101 4.95 -20.24 23.08
CA LYS A 101 4.21 -19.79 24.24
C LYS A 101 2.74 -19.60 23.89
N GLU A 102 1.87 -19.84 24.87
CA GLU A 102 0.46 -19.56 24.69
C GLU A 102 0.23 -18.05 24.81
N LEU A 103 -0.60 -17.53 23.91
CA LEU A 103 -1.12 -16.17 24.06
C LEU A 103 -2.24 -16.19 25.09
N VAL A 104 -2.10 -15.37 26.13
CA VAL A 104 -3.04 -15.37 27.25
C VAL A 104 -3.68 -13.98 27.36
N GLY A 105 -5.00 -13.94 27.39
CA GLY A 105 -5.71 -12.68 27.48
C GLY A 105 -6.07 -12.16 26.12
N ILE A 106 -7.22 -11.45 26.06
CA ILE A 106 -7.76 -10.99 24.79
C ILE A 106 -6.74 -10.10 24.06
N GLU A 107 -5.96 -9.32 24.81
CA GLU A 107 -5.02 -8.43 24.14
C GLU A 107 -3.93 -9.22 23.42
N GLN A 108 -3.30 -10.17 24.13
CA GLN A 108 -2.29 -11.00 23.47
C GLN A 108 -2.89 -11.82 22.32
N ILE A 109 -4.09 -12.35 22.53
CA ILE A 109 -4.75 -13.16 21.50
C ILE A 109 -5.01 -12.35 20.23
N GLN A 110 -5.61 -11.17 20.39
CA GLN A 110 -5.92 -10.35 19.21
C GLN A 110 -4.66 -9.80 18.55
N LEU A 111 -3.71 -9.30 19.35
CA LEU A 111 -2.48 -8.77 18.78
C LEU A 111 -1.68 -9.86 18.09
N GLY A 112 -1.51 -11.02 18.75
CA GLY A 112 -0.84 -12.14 18.10
C GLY A 112 -1.49 -12.55 16.79
N LEU A 113 -2.82 -12.57 16.76
CA LEU A 113 -3.51 -13.01 15.55
C LEU A 113 -3.20 -12.09 14.36
N ILE A 114 -3.25 -10.78 14.59
CA ILE A 114 -3.02 -9.91 13.44
C ILE A 114 -1.57 -10.00 12.98
N GLY A 115 -0.64 -10.20 13.91
CA GLY A 115 0.74 -10.40 13.49
C GLY A 115 0.91 -11.63 12.63
N MET A 116 0.28 -12.73 13.04
CA MET A 116 0.33 -13.94 12.24
C MET A 116 -0.32 -13.72 10.88
N GLN A 117 -1.44 -12.98 10.84
CA GLN A 117 -2.15 -12.75 9.59
C GLN A 117 -1.30 -11.97 8.59
N LEU A 118 -0.68 -10.89 9.05
CA LEU A 118 0.19 -10.10 8.17
C LEU A 118 1.44 -10.88 7.76
N ALA A 119 2.04 -11.63 8.69
CA ALA A 119 3.23 -12.41 8.33
C ALA A 119 2.87 -13.53 7.36
N LEU A 120 1.70 -14.14 7.53
CA LEU A 120 1.31 -15.21 6.60
C LEU A 120 0.97 -14.63 5.22
N THR A 121 0.43 -13.42 5.18
CA THR A 121 0.22 -12.75 3.90
C THR A 121 1.55 -12.52 3.19
N ALA A 122 2.60 -12.21 3.97
CA ALA A 122 3.94 -12.06 3.40
C ALA A 122 4.45 -13.38 2.85
N LEU A 123 4.12 -14.48 3.53
CA LEU A 123 4.57 -15.78 3.10
C LEU A 123 3.97 -16.14 1.74
N TRP A 124 2.65 -16.01 1.61
CA TRP A 124 2.02 -16.25 0.31
C TRP A 124 2.60 -15.35 -0.78
N ARG A 125 2.83 -14.07 -0.44
CA ARG A 125 3.39 -13.15 -1.43
C ARG A 125 4.74 -13.63 -1.93
N SER A 126 5.56 -14.21 -1.04
CA SER A 126 6.88 -14.67 -1.44
C SER A 126 6.81 -15.83 -2.42
N TYR A 127 5.67 -16.52 -2.50
CA TYR A 127 5.47 -17.59 -3.46
C TYR A 127 4.56 -17.15 -4.61
N GLY A 128 4.38 -15.83 -4.79
CA GLY A 128 3.68 -15.32 -5.95
C GLY A 128 2.17 -15.28 -5.82
N VAL A 129 1.64 -15.43 -4.61
CA VAL A 129 0.20 -15.45 -4.37
C VAL A 129 -0.17 -14.17 -3.64
N THR A 130 -0.94 -13.31 -4.29
CA THR A 130 -1.40 -12.05 -3.70
C THR A 130 -2.90 -11.90 -3.97
N PRO A 131 -3.60 -11.16 -3.13
CA PRO A 131 -5.07 -11.08 -3.31
C PRO A 131 -5.48 -10.02 -4.33
N ASP A 132 -6.49 -10.36 -5.12
CA ASP A 132 -7.16 -9.36 -5.94
C ASP A 132 -8.22 -8.60 -5.14
N ALA A 133 -8.73 -9.20 -4.06
CA ALA A 133 -9.70 -8.59 -3.17
C ALA A 133 -9.52 -9.25 -1.81
N VAL A 134 -9.91 -8.54 -0.75
CA VAL A 134 -9.79 -9.09 0.59
C VAL A 134 -11.15 -8.98 1.30
N ILE A 135 -11.38 -9.91 2.22
CA ILE A 135 -12.57 -9.92 3.06
C ILE A 135 -12.10 -10.09 4.49
N GLY A 136 -12.54 -9.19 5.38
CA GLY A 136 -12.31 -9.33 6.81
C GLY A 136 -13.54 -9.80 7.58
N HIS A 137 -13.39 -10.91 8.28
CA HIS A 137 -14.43 -11.52 9.10
C HIS A 137 -14.23 -11.06 10.53
N SER A 138 -15.22 -10.36 11.08
CA SER A 138 -15.20 -9.83 12.44
C SER A 138 -13.90 -9.04 12.62
N MET A 139 -13.16 -9.26 13.71
CA MET A 139 -11.99 -8.41 13.96
C MET A 139 -10.93 -8.59 12.89
N GLY A 140 -10.99 -9.66 12.09
CA GLY A 140 -10.09 -9.82 10.97
C GLY A 140 -10.17 -8.72 9.93
N GLU A 141 -11.17 -7.84 10.00
CA GLU A 141 -11.25 -6.75 9.06
C GLU A 141 -10.14 -5.73 9.27
N VAL A 142 -9.52 -5.68 10.44
CA VAL A 142 -8.36 -4.81 10.60
C VAL A 142 -7.22 -5.29 9.70
N ALA A 143 -6.90 -6.58 9.77
CA ALA A 143 -5.86 -7.15 8.93
C ALA A 143 -6.18 -6.95 7.46
N ALA A 144 -7.44 -7.17 7.07
CA ALA A 144 -7.86 -6.93 5.68
C ALA A 144 -7.60 -5.48 5.26
N ALA A 145 -7.94 -4.54 6.13
CA ALA A 145 -7.74 -3.13 5.83
C ALA A 145 -6.25 -2.83 5.69
N VAL A 146 -5.40 -3.48 6.48
CA VAL A 146 -3.96 -3.30 6.33
C VAL A 146 -3.51 -3.80 4.97
N VAL A 147 -3.89 -5.03 4.64
CA VAL A 147 -3.43 -5.64 3.39
C VAL A 147 -3.99 -4.89 2.18
N ALA A 148 -5.20 -4.36 2.28
CA ALA A 148 -5.77 -3.58 1.20
C ALA A 148 -5.17 -2.18 1.08
N GLY A 149 -4.33 -1.76 2.01
CA GLY A 149 -3.69 -0.47 1.97
C GLY A 149 -4.43 0.66 2.65
N ALA A 150 -5.58 0.38 3.26
CA ALA A 150 -6.30 1.43 3.96
C ALA A 150 -5.63 1.79 5.29
N LEU A 151 -4.87 0.86 5.86
CA LEU A 151 -4.13 1.09 7.09
C LEU A 151 -2.71 0.59 6.88
N THR A 152 -1.77 1.18 7.60
CA THR A 152 -0.43 0.65 7.71
C THR A 152 -0.41 -0.46 8.75
N PRO A 153 0.61 -1.34 8.71
CA PRO A 153 0.72 -2.34 9.79
C PRO A 153 0.73 -1.72 11.18
N ALA A 154 1.42 -0.60 11.34
CA ALA A 154 1.44 0.07 12.65
C ALA A 154 0.03 0.45 13.07
N GLN A 155 -0.76 0.98 12.13
CA GLN A 155 -2.13 1.38 12.45
C GLN A 155 -2.98 0.17 12.77
N GLY A 156 -2.77 -0.94 12.09
CA GLY A 156 -3.49 -2.16 12.41
C GLY A 156 -3.23 -2.64 13.83
N LEU A 157 -1.96 -2.61 14.26
CA LEU A 157 -1.66 -2.96 15.64
C LEU A 157 -2.36 -2.00 16.60
N ARG A 158 -2.34 -0.71 16.28
CA ARG A 158 -2.94 0.29 17.15
C ARG A 158 -4.42 0.02 17.35
N VAL A 159 -5.17 -0.17 16.26
CA VAL A 159 -6.59 -0.47 16.40
C VAL A 159 -6.77 -1.72 17.24
N THR A 160 -5.98 -2.76 16.97
CA THR A 160 -6.10 -4.00 17.69
C THR A 160 -5.80 -3.81 19.17
N ALA A 161 -4.75 -3.04 19.47
CA ALA A 161 -4.36 -2.79 20.86
C ALA A 161 -5.44 -2.05 21.64
N VAL A 162 -5.99 -0.99 21.04
CA VAL A 162 -7.03 -0.22 21.71
C VAL A 162 -8.27 -1.08 21.93
N ARG A 163 -8.81 -1.66 20.85
CA ARG A 163 -10.04 -2.43 20.96
C ARG A 163 -9.90 -3.56 21.96
N SER A 164 -8.79 -4.32 21.87
CA SER A 164 -8.61 -5.47 22.75
C SER A 164 -8.46 -5.06 24.20
N ARG A 165 -7.81 -3.93 24.47
CA ARG A 165 -7.71 -3.45 25.84
C ARG A 165 -9.08 -3.05 26.39
N LEU A 166 -9.91 -2.44 25.54
CA LEU A 166 -11.27 -2.08 25.94
C LEU A 166 -12.13 -3.31 26.21
N MET A 167 -11.95 -4.39 25.48
CA MET A 167 -12.73 -5.59 25.67
C MET A 167 -12.21 -6.48 26.79
N ALA A 168 -10.93 -6.36 27.13
CA ALA A 168 -10.37 -7.27 28.13
C ALA A 168 -11.13 -7.28 29.46
N PRO A 169 -11.55 -6.14 30.02
CA PRO A 169 -12.25 -6.20 31.32
C PRO A 169 -13.54 -7.01 31.27
N LEU A 170 -14.09 -7.22 30.07
CA LEU A 170 -15.33 -7.97 29.88
C LEU A 170 -15.12 -9.49 29.84
N SER A 171 -13.88 -9.94 29.80
CA SER A 171 -13.57 -11.36 29.72
C SER A 171 -14.42 -12.19 30.68
N GLY A 172 -15.08 -13.21 30.13
CA GLY A 172 -15.92 -14.09 30.91
C GLY A 172 -17.35 -13.63 31.07
N GLN A 173 -17.71 -12.47 30.53
CA GLN A 173 -19.08 -11.97 30.62
C GLN A 173 -19.85 -12.17 29.32
N GLY A 174 -19.21 -12.74 28.30
CA GLY A 174 -19.91 -13.01 27.07
C GLY A 174 -19.24 -14.15 26.33
N THR A 175 -19.95 -14.69 25.35
CA THR A 175 -19.38 -15.69 24.46
C THR A 175 -20.26 -15.71 23.22
N MET A 176 -19.96 -16.63 22.31
CA MET A 176 -20.76 -16.77 21.10
C MET A 176 -20.94 -18.25 20.82
N ALA A 177 -21.85 -18.57 19.91
CA ALA A 177 -22.15 -19.95 19.58
C ALA A 177 -22.49 -20.04 18.09
N LEU A 178 -21.97 -21.09 17.45
CA LEU A 178 -22.27 -21.37 16.05
C LEU A 178 -23.46 -22.34 16.00
N LEU A 179 -24.48 -21.98 15.23
CA LEU A 179 -25.70 -22.78 15.16
C LEU A 179 -25.95 -23.21 13.72
N GLU A 180 -26.46 -24.44 13.55
CA GLU A 180 -26.83 -24.94 12.24
C GLU A 180 -28.24 -24.45 11.90
N LEU A 181 -28.39 -23.12 11.88
CA LEU A 181 -29.63 -22.47 11.52
C LEU A 181 -29.31 -21.31 10.59
N ASP A 182 -30.24 -21.00 9.68
CA ASP A 182 -30.10 -19.82 8.83
C ASP A 182 -30.44 -18.58 9.64
N ALA A 183 -30.30 -17.42 9.01
CA ALA A 183 -30.43 -16.18 9.76
C ALA A 183 -31.84 -16.00 10.33
N GLU A 184 -32.88 -16.25 9.53
CA GLU A 184 -34.24 -15.99 10.01
C GLU A 184 -34.66 -16.99 11.07
N ALA A 185 -34.22 -18.24 10.94
CA ALA A 185 -34.46 -19.22 12.01
C ALA A 185 -33.76 -18.81 13.29
N THR A 186 -32.56 -18.21 13.17
CA THR A 186 -31.83 -17.75 14.34
C THR A 186 -32.56 -16.56 14.98
N GLU A 187 -33.02 -15.59 14.18
CA GLU A 187 -33.77 -14.48 14.75
CA GLU A 187 -33.76 -14.48 14.75
C GLU A 187 -35.02 -14.97 15.44
N ALA A 188 -35.63 -16.03 14.93
CA ALA A 188 -36.79 -16.60 15.61
C ALA A 188 -36.39 -17.18 16.96
N LEU A 189 -35.31 -17.97 16.98
CA LEU A 189 -34.81 -18.58 18.21
C LEU A 189 -34.57 -17.56 19.30
N ILE A 190 -34.00 -16.41 18.95
CA ILE A 190 -33.59 -15.43 19.96
C ILE A 190 -34.57 -14.28 20.12
N ALA A 191 -35.78 -14.39 19.56
CA ALA A 191 -36.73 -13.29 19.67
C ALA A 191 -37.01 -12.91 21.12
N ASP A 192 -37.14 -13.89 22.01
CA ASP A 192 -37.41 -13.62 23.41
C ASP A 192 -36.15 -13.48 24.26
N TYR A 193 -35.00 -13.22 23.63
CA TYR A 193 -33.70 -13.10 24.31
C TYR A 193 -33.11 -11.73 23.97
N PRO A 194 -33.59 -10.67 24.62
CA PRO A 194 -33.13 -9.32 24.26
C PRO A 194 -31.63 -9.10 24.44
N GLU A 195 -30.96 -9.87 25.29
CA GLU A 195 -29.53 -9.71 25.51
C GLU A 195 -28.68 -10.49 24.52
N VAL A 196 -29.29 -11.36 23.72
CA VAL A 196 -28.58 -12.17 22.73
C VAL A 196 -28.81 -11.57 21.35
N SER A 197 -27.74 -11.51 20.54
CA SER A 197 -27.82 -10.95 19.19
C SER A 197 -27.43 -11.97 18.13
N LEU A 198 -27.86 -11.72 16.89
CA LEU A 198 -27.28 -12.39 15.73
C LEU A 198 -25.93 -11.75 15.48
N GLY A 199 -24.84 -12.49 15.68
CA GLY A 199 -23.51 -11.92 15.63
C GLY A 199 -22.82 -12.02 14.28
N ILE A 200 -22.95 -13.17 13.63
CA ILE A 200 -22.31 -13.41 12.34
C ILE A 200 -23.28 -14.12 11.42
N TYR A 201 -23.51 -13.55 10.24
CA TYR A 201 -24.16 -14.28 9.15
C TYR A 201 -23.07 -15.13 8.52
N ALA A 202 -22.96 -16.41 8.94
CA ALA A 202 -21.82 -17.20 8.52
C ALA A 202 -21.99 -17.77 7.12
N SER A 203 -23.16 -18.26 6.81
CA SER A 203 -23.45 -18.88 5.52
C SER A 203 -24.97 -18.97 5.40
N PRO A 204 -25.50 -19.51 4.31
CA PRO A 204 -26.95 -19.72 4.24
C PRO A 204 -27.44 -20.73 5.25
N ARG A 205 -26.54 -21.52 5.85
CA ARG A 205 -26.93 -22.62 6.70
C ARG A 205 -26.46 -22.51 8.14
N GLN A 206 -25.55 -21.58 8.44
CA GLN A 206 -25.02 -21.41 9.79
C GLN A 206 -25.02 -19.94 10.18
N THR A 207 -25.28 -19.71 11.46
CA THR A 207 -25.36 -18.37 12.03
C THR A 207 -24.73 -18.41 13.41
N VAL A 208 -24.09 -17.32 13.81
CA VAL A 208 -23.46 -17.22 15.11
C VAL A 208 -24.27 -16.24 15.96
N ILE A 209 -24.55 -16.64 17.20
CA ILE A 209 -25.21 -15.78 18.17
C ILE A 209 -24.18 -15.35 19.21
N SER A 210 -24.48 -14.23 19.85
CA SER A 210 -23.53 -13.63 20.77
C SER A 210 -24.29 -13.09 21.96
N GLY A 211 -23.72 -13.25 23.16
CA GLY A 211 -24.35 -12.72 24.34
C GLY A 211 -23.83 -13.35 25.62
N PRO A 212 -24.52 -13.10 26.72
CA PRO A 212 -24.07 -13.63 28.03
C PRO A 212 -23.95 -15.15 28.03
N PRO A 213 -22.92 -15.70 28.68
CA PRO A 213 -22.62 -17.13 28.47
C PRO A 213 -23.71 -18.07 28.97
N LEU A 214 -24.39 -17.74 30.07
CA LEU A 214 -25.48 -18.58 30.54
C LEU A 214 -26.59 -18.68 29.50
N LEU A 215 -26.86 -17.57 28.80
CA LEU A 215 -27.93 -17.55 27.81
C LEU A 215 -27.51 -18.22 26.51
N ILE A 216 -26.26 -18.05 26.10
CA ILE A 216 -25.74 -18.80 24.97
C ILE A 216 -25.80 -20.30 25.25
N ASP A 217 -25.42 -20.72 26.46
CA ASP A 217 -25.52 -22.13 26.80
C ASP A 217 -26.95 -22.61 26.74
N GLU A 218 -27.89 -21.79 27.23
CA GLU A 218 -29.30 -22.16 27.17
C GLU A 218 -29.76 -22.33 25.72
N LEU A 219 -29.28 -21.47 24.83
CA LEU A 219 -29.70 -21.53 23.43
C LEU A 219 -29.02 -22.67 22.70
N ILE A 220 -27.77 -22.97 23.04
CA ILE A 220 -27.11 -24.15 22.47
C ILE A 220 -27.90 -25.41 22.83
N ASP A 221 -28.35 -25.50 24.07
CA ASP A 221 -29.10 -26.68 24.47
C ASP A 221 -30.41 -26.76 23.70
N LYS A 222 -31.13 -25.64 23.58
CA LYS A 222 -32.42 -25.68 22.87
C LYS A 222 -32.24 -26.13 21.42
N VAL A 223 -31.21 -25.62 20.74
CA VAL A 223 -30.96 -26.03 19.36
C VAL A 223 -30.69 -27.52 19.30
N ARG A 224 -29.90 -28.04 20.23
CA ARG A 224 -29.62 -29.48 20.25
C ARG A 224 -30.88 -30.28 20.57
N GLN A 225 -31.67 -29.84 21.54
CA GLN A 225 -32.88 -30.56 21.90
C GLN A 225 -33.94 -30.50 20.80
N GLN A 226 -33.91 -29.50 19.94
CA GLN A 226 -34.77 -29.43 18.78
C GLN A 226 -34.16 -30.11 17.57
N ASN A 227 -33.19 -31.01 17.80
CA ASN A 227 -32.57 -31.88 16.79
C ASN A 227 -31.62 -31.14 15.84
N GLY A 228 -31.13 -29.97 16.23
CA GLY A 228 -30.14 -29.26 15.45
C GLY A 228 -28.75 -29.37 16.05
N PHE A 229 -27.78 -28.79 15.34
CA PHE A 229 -26.37 -28.79 15.75
C PHE A 229 -25.99 -27.41 16.26
N ALA A 230 -25.19 -27.36 17.33
CA ALA A 230 -24.75 -26.08 17.89
C ALA A 230 -23.49 -26.28 18.71
N THR A 231 -22.57 -25.31 18.60
CA THR A 231 -21.26 -25.38 19.25
C THR A 231 -20.92 -24.02 19.86
N ARG A 232 -20.19 -24.04 20.97
CA ARG A 232 -19.68 -22.80 21.54
C ARG A 232 -18.48 -22.32 20.73
N VAL A 233 -18.41 -21.01 20.50
CA VAL A 233 -17.22 -20.39 19.91
C VAL A 233 -16.15 -20.25 20.99
N ASN A 234 -14.88 -20.41 20.59
CA ASN A 234 -13.76 -20.30 21.52
C ASN A 234 -13.46 -18.82 21.73
N ILE A 235 -14.32 -18.17 22.53
CA ILE A 235 -14.19 -16.74 22.76
C ILE A 235 -14.86 -16.44 24.07
N GLU A 236 -14.32 -15.47 24.81
CA GLU A 236 -14.77 -15.18 26.17
C GLU A 236 -15.31 -13.75 26.30
N VAL A 237 -15.72 -13.14 25.17
CA VAL A 237 -16.49 -11.90 25.15
C VAL A 237 -17.59 -12.05 24.11
N ALA A 238 -18.49 -11.06 24.09
CA ALA A 238 -19.67 -11.07 23.22
C ALA A 238 -19.62 -9.91 22.24
N PRO A 239 -18.77 -9.97 21.22
CA PRO A 239 -18.75 -8.90 20.22
C PRO A 239 -19.98 -9.00 19.34
N HIS A 240 -20.18 -7.98 18.51
CA HIS A 240 -21.30 -7.96 17.56
C HIS A 240 -22.64 -8.12 18.30
N ASN A 241 -22.80 -7.30 19.34
CA ASN A 241 -23.90 -7.42 20.29
C ASN A 241 -24.05 -6.07 20.96
N PRO A 242 -25.25 -5.76 21.49
CA PRO A 242 -25.43 -4.51 22.26
C PRO A 242 -24.38 -4.25 23.32
N ALA A 243 -23.83 -5.31 23.92
CA ALA A 243 -22.82 -5.12 24.94
C ALA A 243 -21.70 -4.19 24.47
N MET A 244 -21.48 -4.09 23.17
CA MET A 244 -20.35 -3.33 22.65
C MET A 244 -20.63 -1.83 22.59
N ASP A 245 -21.90 -1.42 22.68
CA ASP A 245 -22.22 0.01 22.77
C ASP A 245 -21.37 0.68 23.84
N ALA A 246 -21.18 0.00 24.97
CA ALA A 246 -20.45 0.60 26.07
C ALA A 246 -19.05 1.03 25.66
N LEU A 247 -18.47 0.37 24.66
CA LEU A 247 -17.07 0.58 24.31
C LEU A 247 -16.86 1.56 23.17
N GLN A 248 -17.91 1.94 22.46
CA GLN A 248 -17.73 2.72 21.25
C GLN A 248 -17.21 4.13 21.54
N PRO A 249 -17.68 4.80 22.58
CA PRO A 249 -17.13 6.15 22.84
C PRO A 249 -15.64 6.13 23.11
N ALA A 250 -15.16 5.14 23.87
CA ALA A 250 -13.73 5.07 24.15
C ALA A 250 -12.96 4.74 22.89
N MET A 251 -13.52 3.87 22.04
CA MET A 251 -12.91 3.61 20.74
C MET A 251 -12.72 4.89 19.94
N ARG A 252 -13.78 5.69 19.82
CA ARG A 252 -13.70 6.90 19.01
C ARG A 252 -12.74 7.91 19.62
N SER A 253 -12.63 7.92 20.94
CA SER A 253 -11.68 8.82 21.60
C SER A 253 -10.25 8.37 21.40
N GLU A 254 -9.96 7.10 21.72
CA GLU A 254 -8.58 6.65 21.70
C GLU A 254 -8.03 6.56 20.29
N LEU A 255 -8.88 6.31 19.29
CA LEU A 255 -8.45 6.23 17.91
C LEU A 255 -8.76 7.52 17.15
N ALA A 256 -9.02 8.61 17.87
CA ALA A 256 -9.38 9.87 17.23
C ALA A 256 -8.34 10.29 16.19
N ASP A 257 -7.07 10.03 16.46
CA ASP A 257 -5.97 10.47 15.61
C ASP A 257 -5.68 9.50 14.48
N LEU A 258 -6.41 8.38 14.41
CA LEU A 258 -6.22 7.42 13.33
C LEU A 258 -6.61 8.06 12.00
N THR A 259 -5.67 8.09 11.06
CA THR A 259 -5.88 8.70 9.75
C THR A 259 -5.64 7.64 8.68
N PRO A 260 -6.68 6.96 8.23
CA PRO A 260 -6.52 5.92 7.20
C PRO A 260 -6.38 6.55 5.83
N GLN A 261 -6.26 5.69 4.81
CA GLN A 261 -6.17 6.07 3.42
C GLN A 261 -7.18 5.23 2.63
N PRO A 262 -7.58 5.67 1.46
CA PRO A 262 -8.42 4.83 0.61
C PRO A 262 -7.70 3.53 0.29
N PRO A 263 -8.41 2.41 0.26
CA PRO A 263 -7.76 1.15 -0.12
C PRO A 263 -7.29 1.15 -1.57
N THR A 264 -6.24 0.36 -1.81
CA THR A 264 -5.75 0.15 -3.17
C THR A 264 -6.16 -1.21 -3.73
N ILE A 265 -6.54 -2.15 -2.87
CA ILE A 265 -7.11 -3.45 -3.24
C ILE A 265 -8.59 -3.38 -2.87
N PRO A 266 -9.53 -3.85 -3.70
CA PRO A 266 -10.93 -3.92 -3.26
C PRO A 266 -11.00 -4.63 -1.91
N ILE A 267 -11.70 -4.01 -0.98
CA ILE A 267 -12.01 -4.65 0.30
C ILE A 267 -13.53 -4.69 0.44
N ILE A 268 -14.08 -5.89 0.59
CA ILE A 268 -15.50 -6.10 0.82
C ILE A 268 -15.69 -6.14 2.34
N SER A 269 -16.28 -5.10 2.89
CA SER A 269 -16.45 -4.98 4.33
C SER A 269 -17.61 -5.86 4.81
N THR A 270 -17.39 -6.57 5.90
CA THR A 270 -18.44 -7.34 6.55
C THR A 270 -19.14 -6.53 7.64
N THR A 271 -18.78 -5.25 7.76
CA THR A 271 -19.28 -4.41 8.84
C THR A 271 -20.64 -3.85 8.53
N TYR A 272 -20.95 -3.66 7.26
CA TYR A 272 -22.15 -2.94 6.84
C TYR A 272 -23.03 -3.85 6.00
N ALA A 273 -24.34 -3.61 6.05
CA ALA A 273 -25.27 -4.38 5.23
C ALA A 273 -24.93 -4.26 3.75
N ASP A 274 -24.47 -3.08 3.33
CA ASP A 274 -24.14 -2.83 1.93
C ASP A 274 -22.70 -3.21 1.58
N LEU A 275 -22.03 -3.92 2.48
CA LEU A 275 -20.67 -4.43 2.31
C LEU A 275 -19.65 -3.32 2.10
N GLY A 276 -20.03 -2.06 2.36
CA GLY A 276 -19.14 -0.94 2.15
C GLY A 276 -18.70 -0.74 0.71
N ILE A 277 -19.57 -1.06 -0.25
CA ILE A 277 -19.17 -0.96 -1.65
C ILE A 277 -20.24 -0.28 -2.48
N SER A 278 -21.05 0.57 -1.84
CA SER A 278 -22.08 1.29 -2.56
C SER A 278 -21.46 2.34 -3.48
N LEU A 279 -22.17 2.64 -4.56
CA LEU A 279 -21.78 3.74 -5.43
C LEU A 279 -21.63 5.01 -4.60
N GLY A 280 -20.73 5.88 -5.05
CA GLY A 280 -20.47 7.12 -4.34
C GLY A 280 -19.18 7.09 -3.52
N SER A 281 -19.23 7.61 -2.29
CA SER A 281 -18.06 7.57 -1.42
C SER A 281 -17.75 6.14 -0.99
N GLY A 282 -16.49 5.91 -0.65
CA GLY A 282 -16.09 4.64 -0.10
C GLY A 282 -15.93 4.69 1.40
N PRO A 283 -16.06 3.54 2.07
CA PRO A 283 -15.84 3.51 3.52
C PRO A 283 -14.48 4.09 3.90
N ARG A 284 -14.48 4.85 5.00
CA ARG A 284 -13.28 5.39 5.62
C ARG A 284 -12.96 4.55 6.84
N PHE A 285 -11.81 3.89 6.83
CA PHE A 285 -11.49 2.92 7.88
C PHE A 285 -10.89 3.60 9.09
N ASP A 286 -11.68 4.48 9.67
CA ASP A 286 -11.30 5.38 10.74
C ASP A 286 -11.90 4.89 12.06
N ALA A 287 -11.75 5.70 13.11
CA ALA A 287 -12.20 5.29 14.44
C ALA A 287 -13.66 4.87 14.45
N GLU A 288 -14.53 5.65 13.78
CA GLU A 288 -15.94 5.29 13.76
C GLU A 288 -16.16 3.94 13.10
N HIS A 289 -15.38 3.65 12.05
CA HIS A 289 -15.55 2.37 11.38
C HIS A 289 -15.24 1.20 12.32
N TRP A 290 -14.14 1.31 13.05
CA TRP A 290 -13.76 0.22 13.95
C TRP A 290 -14.71 0.11 15.14
N ALA A 291 -15.22 1.22 15.66
CA ALA A 291 -16.25 1.14 16.68
C ALA A 291 -17.51 0.48 16.15
N THR A 292 -17.83 0.74 14.87
CA THR A 292 -18.99 0.14 14.24
C THR A 292 -18.76 -1.33 13.93
N ASN A 293 -17.56 -1.67 13.44
CA ASN A 293 -17.24 -3.06 13.10
C ASN A 293 -17.38 -4.00 14.30
N MET A 294 -16.99 -3.55 15.49
CA MET A 294 -17.06 -4.47 16.64
C MET A 294 -18.48 -4.65 17.18
N ARG A 295 -19.40 -3.77 16.79
CA ARG A 295 -20.79 -3.82 17.26
C ARG A 295 -21.72 -4.44 16.25
N ASN A 296 -21.58 -4.10 14.97
CA ASN A 296 -22.49 -4.58 13.94
C ASN A 296 -22.33 -6.09 13.74
N PRO A 297 -23.41 -6.77 13.30
CA PRO A 297 -23.27 -8.17 12.89
C PRO A 297 -22.37 -8.28 11.68
N VAL A 298 -21.73 -9.43 11.56
CA VAL A 298 -20.70 -9.68 10.55
C VAL A 298 -21.37 -10.24 9.30
N ARG A 299 -21.31 -9.49 8.20
CA ARG A 299 -21.99 -9.90 6.96
C ARG A 299 -21.09 -10.81 6.12
N PHE A 300 -20.69 -11.93 6.72
CA PHE A 300 -19.69 -12.79 6.10
C PHE A 300 -20.28 -13.55 4.93
N HIS A 301 -21.44 -14.19 5.14
CA HIS A 301 -22.17 -14.85 4.06
C HIS A 301 -22.31 -13.94 2.85
N GLN A 302 -22.74 -12.70 3.06
CA GLN A 302 -23.02 -11.82 1.93
C GLN A 302 -21.73 -11.35 1.25
N ALA A 303 -20.68 -11.11 2.03
CA ALA A 303 -19.41 -10.72 1.44
C ALA A 303 -18.82 -11.83 0.57
N ILE A 304 -18.88 -13.07 1.02
CA ILE A 304 -18.37 -14.18 0.22
C ILE A 304 -19.19 -14.33 -1.06
N ALA A 305 -20.51 -14.30 -0.93
CA ALA A 305 -21.37 -14.40 -2.11
C ALA A 305 -21.01 -13.33 -3.14
N HIS A 306 -20.87 -12.09 -2.69
CA HIS A 306 -20.49 -11.00 -3.60
C HIS A 306 -19.18 -11.33 -4.29
N ALA A 307 -18.21 -11.82 -3.54
CA ALA A 307 -16.86 -12.04 -4.04
C ALA A 307 -16.79 -13.22 -5.00
N GLY A 308 -17.62 -14.23 -4.81
CA GLY A 308 -17.59 -15.37 -5.69
C GLY A 308 -18.21 -15.13 -7.06
N ALA A 309 -18.85 -13.98 -7.27
CA ALA A 309 -19.36 -13.67 -8.59
C ALA A 309 -18.25 -13.78 -9.64
N ASP A 310 -17.09 -13.19 -9.35
CA ASP A 310 -16.00 -13.13 -10.32
C ASP A 310 -14.64 -13.53 -9.76
N HIS A 311 -14.57 -14.05 -8.54
CA HIS A 311 -13.35 -14.57 -7.96
C HIS A 311 -13.59 -16.04 -7.60
N HIS A 312 -12.60 -16.88 -7.91
CA HIS A 312 -12.79 -18.32 -7.78
C HIS A 312 -11.88 -18.99 -6.78
N THR A 313 -10.83 -18.32 -6.32
CA THR A 313 -9.95 -18.90 -5.30
C THR A 313 -10.07 -18.08 -4.02
N PHE A 314 -10.47 -18.75 -2.94
CA PHE A 314 -10.56 -18.16 -1.62
C PHE A 314 -9.52 -18.82 -0.71
N ILE A 315 -8.70 -18.01 -0.08
CA ILE A 315 -7.62 -18.49 0.80
C ILE A 315 -7.84 -17.85 2.17
N GLU A 316 -8.14 -18.67 3.17
CA GLU A 316 -8.24 -18.19 4.53
C GLU A 316 -6.84 -18.01 5.10
N ILE A 317 -6.56 -16.80 5.59
CA ILE A 317 -5.24 -16.44 6.09
C ILE A 317 -5.28 -16.61 7.61
N SER A 318 -5.05 -17.82 8.09
CA SER A 318 -5.21 -18.11 9.51
C SER A 318 -4.24 -19.22 9.90
N ALA A 319 -4.15 -19.45 11.21
CA ALA A 319 -3.36 -20.55 11.74
C ALA A 319 -4.08 -21.90 11.64
N HIS A 320 -5.42 -21.89 11.49
CA HIS A 320 -6.16 -23.12 11.36
C HIS A 320 -7.47 -22.79 10.66
N PRO A 321 -7.85 -23.55 9.62
CA PRO A 321 -9.00 -23.13 8.80
C PRO A 321 -10.33 -23.36 9.52
N LEU A 322 -11.03 -22.28 9.87
CA LEU A 322 -12.34 -22.44 10.48
C LEU A 322 -13.47 -21.92 9.59
N LEU A 323 -13.15 -21.20 8.51
CA LEU A 323 -14.19 -20.61 7.66
C LEU A 323 -14.35 -21.29 6.31
N THR A 324 -13.48 -22.23 5.96
CA THR A 324 -13.50 -22.76 4.60
C THR A 324 -14.77 -23.54 4.32
N HIS A 325 -15.34 -24.22 5.33
CA HIS A 325 -16.61 -24.90 5.12
C HIS A 325 -17.76 -23.91 4.90
N SER A 326 -17.80 -22.84 5.69
CA SER A 326 -18.82 -21.81 5.50
C SER A 326 -18.67 -21.12 4.15
N ILE A 327 -17.43 -20.86 3.74
CA ILE A 327 -17.19 -20.30 2.42
C ILE A 327 -17.78 -21.21 1.35
N SER A 328 -17.42 -22.49 1.40
CA SER A 328 -17.94 -23.42 0.40
C SER A 328 -19.46 -23.50 0.45
N ASP A 329 -20.05 -23.50 1.64
CA ASP A 329 -21.51 -23.53 1.73
C ASP A 329 -22.12 -22.32 1.00
N THR A 330 -21.56 -21.13 1.21
CA THR A 330 -22.08 -19.94 0.55
C THR A 330 -21.91 -20.05 -0.96
N LEU A 331 -20.72 -20.42 -1.42
CA LEU A 331 -20.47 -20.48 -2.85
C LEU A 331 -21.36 -21.52 -3.53
N ARG A 332 -21.60 -22.65 -2.84
CA ARG A 332 -22.42 -23.71 -3.40
C ARG A 332 -23.87 -23.24 -3.62
N ALA A 333 -24.32 -22.26 -2.84
CA ALA A 333 -25.69 -21.80 -2.94
C ALA A 333 -25.94 -20.94 -4.17
N SER A 334 -24.90 -20.35 -4.76
CA SER A 334 -25.04 -19.46 -5.90
C SER A 334 -24.27 -19.88 -7.12
N TYR A 335 -23.21 -20.69 -6.98
CA TYR A 335 -22.29 -20.96 -8.08
C TYR A 335 -22.00 -22.45 -8.23
N ASP A 336 -21.30 -22.79 -9.31
CA ASP A 336 -20.84 -24.15 -9.58
C ASP A 336 -19.48 -24.31 -8.92
N VAL A 337 -19.45 -24.96 -7.75
CA VAL A 337 -18.22 -24.99 -6.97
C VAL A 337 -17.12 -25.81 -7.60
N ASP A 338 -17.43 -26.61 -8.63
CA ASP A 338 -16.37 -27.30 -9.35
C ASP A 338 -15.34 -26.33 -9.93
N ASN A 339 -15.73 -25.08 -10.14
CA ASN A 339 -14.83 -24.06 -10.66
C ASN A 339 -14.21 -23.23 -9.56
N TYR A 340 -14.35 -23.64 -8.29
CA TYR A 340 -13.89 -22.87 -7.15
C TYR A 340 -12.95 -23.67 -6.27
N LEU A 341 -12.21 -22.96 -5.43
CA LEU A 341 -11.21 -23.51 -4.53
C LEU A 341 -11.31 -22.72 -3.25
N SER A 342 -11.53 -23.40 -2.13
CA SER A 342 -11.57 -22.77 -0.81
C SER A 342 -10.58 -23.48 0.10
N ILE A 343 -9.49 -22.81 0.44
CA ILE A 343 -8.39 -23.44 1.19
C ILE A 343 -7.92 -22.51 2.30
N GLY A 344 -7.10 -23.07 3.19
CA GLY A 344 -6.49 -22.31 4.25
C GLY A 344 -5.00 -22.13 4.04
N THR A 345 -4.35 -21.61 5.09
CA THR A 345 -2.92 -21.35 5.08
C THR A 345 -2.16 -22.34 5.96
N LEU A 346 -2.45 -22.35 7.26
CA LEU A 346 -1.91 -23.32 8.19
C LEU A 346 -3.05 -24.10 8.85
N GLN A 347 -2.69 -25.19 9.53
CA GLN A 347 -3.66 -25.98 10.28
C GLN A 347 -2.98 -26.65 11.46
N ARG A 348 -3.75 -26.82 12.54
CA ARG A 348 -3.19 -27.31 13.79
C ARG A 348 -2.75 -28.76 13.69
N ASP A 349 -3.36 -29.53 12.79
CA ASP A 349 -2.94 -30.90 12.55
C ASP A 349 -1.78 -30.93 11.56
N ALA A 350 -0.92 -31.93 11.70
CA ALA A 350 0.19 -32.11 10.77
C ALA A 350 -0.04 -33.32 9.87
N PRO B 16 22.06 39.14 -9.34
CA PRO B 16 21.89 38.77 -7.93
C PRO B 16 22.21 37.31 -7.63
N ARG B 17 22.77 37.08 -6.44
CA ARG B 17 23.19 35.75 -6.02
C ARG B 17 21.99 34.86 -5.74
N GLY B 18 22.14 33.57 -6.03
CA GLY B 18 21.09 32.60 -5.78
C GLY B 18 19.76 33.03 -6.36
N SER B 19 19.81 33.71 -7.50
CA SER B 19 18.60 34.30 -8.08
C SER B 19 17.54 33.26 -8.38
N HIS B 20 17.94 32.02 -8.67
CA HIS B 20 17.00 30.97 -9.03
C HIS B 20 16.83 29.92 -7.93
N MET B 21 17.27 30.23 -6.71
CA MET B 21 17.07 29.32 -5.59
C MET B 21 15.69 29.52 -4.96
N SER B 22 15.14 28.44 -4.41
CA SER B 22 13.93 28.56 -3.62
C SER B 22 14.23 29.31 -2.33
N GLY B 23 13.18 29.80 -1.69
CA GLY B 23 13.36 30.58 -0.48
C GLY B 23 14.15 29.83 0.59
N GLY B 24 13.77 28.59 0.87
CA GLY B 24 14.48 27.82 1.88
C GLY B 24 15.96 27.67 1.56
N LEU B 25 16.27 27.24 0.34
CA LEU B 25 17.66 27.08 -0.05
C LEU B 25 18.38 28.42 -0.07
N ARG B 26 17.73 29.46 -0.58
CA ARG B 26 18.37 30.77 -0.65
C ARG B 26 18.82 31.22 0.74
N ALA B 27 17.98 30.98 1.76
CA ALA B 27 18.28 31.47 3.10
C ALA B 27 19.40 30.67 3.77
N LEU B 28 19.62 29.43 3.37
CA LEU B 28 20.79 28.70 3.84
C LEU B 28 22.05 29.17 3.10
N ALA B 29 21.98 29.31 1.77
CA ALA B 29 23.16 29.67 1.00
C ALA B 29 23.59 31.10 1.27
N ALA B 30 22.67 31.99 1.65
CA ALA B 30 23.04 33.33 2.09
C ALA B 30 23.60 33.34 3.50
N GLY B 31 23.42 32.27 4.26
CA GLY B 31 23.87 32.21 5.63
C GLY B 31 22.90 32.78 6.64
N GLN B 32 21.68 33.12 6.22
CA GLN B 32 20.68 33.72 7.09
C GLN B 32 19.89 32.69 7.89
N SER B 33 20.08 31.41 7.60
CA SER B 33 19.50 30.32 8.36
C SER B 33 20.64 29.43 8.84
N ALA B 34 20.46 28.82 10.01
CA ALA B 34 21.47 27.97 10.59
C ALA B 34 21.55 26.65 9.85
N PRO B 35 22.64 25.91 10.02
CA PRO B 35 22.76 24.59 9.38
C PRO B 35 21.50 23.73 9.45
N GLY B 36 21.01 23.32 8.28
CA GLY B 36 19.92 22.37 8.18
C GLY B 36 18.53 22.92 8.41
N VAL B 37 18.37 24.21 8.60
CA VAL B 37 17.07 24.84 8.86
C VAL B 37 16.45 25.26 7.54
N VAL B 38 15.16 24.98 7.38
CA VAL B 38 14.47 25.26 6.12
C VAL B 38 13.13 25.92 6.37
N ILE B 45 6.15 23.96 12.03
CA ILE B 45 6.24 22.71 11.27
C ILE B 45 6.75 21.58 12.17
N GLY B 46 6.50 20.35 11.76
CA GLY B 46 6.95 19.18 12.49
C GLY B 46 8.28 18.66 12.00
N GLY B 47 8.59 17.42 12.40
CA GLY B 47 9.85 16.80 12.05
C GLY B 47 9.74 15.85 10.88
N GLY B 48 10.90 15.50 10.31
CA GLY B 48 10.94 14.57 9.21
C GLY B 48 11.01 15.24 7.86
N THR B 49 11.99 14.88 7.04
CA THR B 49 12.23 15.50 5.75
C THR B 49 12.22 14.45 4.64
N VAL B 50 11.47 14.74 3.59
CA VAL B 50 11.34 13.86 2.43
C VAL B 50 11.86 14.61 1.22
N PHE B 51 12.83 14.01 0.52
CA PHE B 51 13.25 14.51 -0.80
C PHE B 51 12.41 13.84 -1.89
N VAL B 52 11.83 14.66 -2.77
CA VAL B 52 10.96 14.20 -3.84
C VAL B 52 11.64 14.45 -5.18
N TYR B 53 11.84 13.39 -5.96
CA TYR B 53 12.52 13.45 -7.25
C TYR B 53 11.49 13.38 -8.36
N SER B 54 11.38 14.47 -9.13
CA SER B 54 10.38 14.55 -10.17
C SER B 54 10.81 13.79 -11.40
N GLY B 55 9.82 13.27 -12.12
CA GLY B 55 10.08 12.65 -13.40
C GLY B 55 10.05 13.59 -14.56
N ARG B 56 9.67 14.84 -14.32
CA ARG B 56 9.63 15.84 -15.38
C ARG B 56 11.04 16.39 -15.62
N GLY B 57 11.54 16.27 -16.84
CA GLY B 57 12.64 17.11 -17.28
C GLY B 57 12.12 18.51 -17.49
N SER B 58 12.65 19.49 -16.74
CA SER B 58 12.13 20.85 -16.77
C SER B 58 13.29 21.84 -16.83
N GLN B 59 14.11 21.70 -17.87
CA GLN B 59 15.24 22.59 -18.00
C GLN B 59 14.75 24.01 -18.31
N TRP B 60 15.51 24.99 -17.82
CA TRP B 60 15.37 26.37 -18.21
C TRP B 60 16.75 26.89 -18.62
N ALA B 61 16.76 27.84 -19.54
CA ALA B 61 18.02 28.35 -20.08
C ALA B 61 18.86 28.99 -18.99
N GLY B 62 20.08 28.48 -18.82
CA GLY B 62 20.94 28.94 -17.76
C GLY B 62 20.85 28.13 -16.48
N MET B 63 20.04 27.08 -16.47
CA MET B 63 19.92 26.15 -15.36
C MET B 63 21.27 25.81 -14.76
N GLY B 64 21.43 26.15 -13.48
CA GLY B 64 22.60 25.75 -12.72
C GLY B 64 23.90 26.43 -13.08
N ARG B 65 23.90 27.32 -14.08
CA ARG B 65 25.13 28.00 -14.47
C ARG B 65 25.73 28.77 -13.29
N GLN B 66 24.89 29.47 -12.52
CA GLN B 66 25.37 30.22 -11.38
C GLN B 66 25.85 29.29 -10.26
N LEU B 67 25.16 28.17 -10.07
CA LEU B 67 25.55 27.23 -9.02
C LEU B 67 26.92 26.64 -9.30
N LEU B 68 27.20 26.28 -10.55
CA LEU B 68 28.52 25.74 -10.89
C LEU B 68 29.62 26.71 -10.47
N ALA B 69 29.37 28.00 -10.58
CA ALA B 69 30.38 29.00 -10.28
C ALA B 69 30.46 29.32 -8.79
N ASP B 70 29.35 29.21 -8.07
CA ASP B 70 29.27 29.76 -6.72
C ASP B 70 29.08 28.73 -5.62
N GLU B 71 28.71 27.50 -5.94
CA GLU B 71 28.37 26.51 -4.92
C GLU B 71 29.30 25.31 -5.02
N PRO B 72 30.36 25.25 -4.20
CA PRO B 72 31.35 24.18 -4.34
C PRO B 72 30.77 22.78 -4.29
N ALA B 73 29.74 22.54 -3.49
CA ALA B 73 29.20 21.20 -3.39
C ALA B 73 28.50 20.80 -4.68
N PHE B 74 27.82 21.77 -5.31
CA PHE B 74 27.18 21.47 -6.58
C PHE B 74 28.23 21.18 -7.65
N ALA B 75 29.27 22.03 -7.70
CA ALA B 75 30.32 21.86 -8.70
C ALA B 75 31.09 20.56 -8.51
N ALA B 76 31.33 20.17 -7.24
CA ALA B 76 32.03 18.91 -6.98
C ALA B 76 31.23 17.73 -7.53
N ALA B 77 29.92 17.73 -7.30
CA ALA B 77 29.07 16.65 -7.78
C ALA B 77 29.05 16.58 -9.30
N ILE B 78 28.96 17.74 -9.96
CA ILE B 78 28.96 17.76 -11.42
C ILE B 78 30.30 17.22 -11.94
N ALA B 79 31.41 17.71 -11.36
CA ALA B 79 32.72 17.20 -11.74
C ALA B 79 32.83 15.70 -11.52
N GLU B 80 32.25 15.20 -10.42
CA GLU B 80 32.40 13.77 -10.12
C GLU B 80 31.57 12.91 -11.07
N LEU B 81 30.42 13.42 -11.53
CA LEU B 81 29.59 12.68 -12.47
C LEU B 81 30.14 12.70 -13.89
N GLU B 82 30.88 13.75 -14.27
CA GLU B 82 31.17 13.99 -15.67
C GLU B 82 31.86 12.82 -16.36
N PRO B 83 32.90 12.20 -15.78
CA PRO B 83 33.54 11.08 -16.49
C PRO B 83 32.57 9.98 -16.89
N GLU B 84 31.64 9.60 -16.01
CA GLU B 84 30.66 8.58 -16.37
C GLU B 84 29.61 9.14 -17.31
N PHE B 85 29.22 10.39 -17.11
CA PHE B 85 28.31 11.06 -18.04
C PHE B 85 28.86 11.05 -19.45
N VAL B 86 30.15 11.36 -19.61
CA VAL B 86 30.76 11.36 -20.93
C VAL B 86 30.80 9.97 -21.53
N ALA B 87 30.94 8.94 -20.69
CA ALA B 87 31.04 7.58 -21.21
C ALA B 87 29.66 6.98 -21.46
N GLN B 88 28.72 7.18 -20.54
CA GLN B 88 27.40 6.59 -20.70
C GLN B 88 26.46 7.42 -21.56
N GLY B 89 26.74 8.71 -21.75
CA GLY B 89 25.82 9.60 -22.42
C GLY B 89 26.37 10.24 -23.68
N GLY B 90 27.69 10.27 -23.80
CA GLY B 90 28.30 10.85 -24.96
C GLY B 90 28.20 12.36 -25.05
N PHE B 91 27.88 13.02 -23.94
CA PHE B 91 27.89 14.48 -23.92
C PHE B 91 28.22 14.93 -22.51
N SER B 92 28.55 16.21 -22.39
CA SER B 92 29.05 16.77 -21.14
C SER B 92 27.96 17.57 -20.43
N LEU B 93 27.44 17.04 -19.33
CA LEU B 93 26.53 17.83 -18.50
C LEU B 93 27.22 19.11 -18.05
N ARG B 94 28.48 19.03 -17.68
CA ARG B 94 29.25 20.21 -17.27
C ARG B 94 29.18 21.31 -18.34
N ASP B 95 29.39 20.95 -19.61
CA ASP B 95 29.36 21.96 -20.66
C ASP B 95 27.93 22.49 -20.89
N VAL B 96 26.93 21.61 -20.77
CA VAL B 96 25.54 22.04 -20.88
C VAL B 96 25.23 23.11 -19.84
N ILE B 97 25.65 22.88 -18.60
CA ILE B 97 25.33 23.80 -17.52
C ILE B 97 26.11 25.09 -17.70
N ALA B 98 27.42 24.98 -17.94
CA ALA B 98 28.25 26.17 -18.05
C ALA B 98 27.89 27.00 -19.28
N GLY B 99 27.58 26.34 -20.39
CA GLY B 99 27.24 27.01 -21.62
C GLY B 99 25.76 27.32 -21.79
N GLY B 100 24.92 26.98 -20.82
CA GLY B 100 23.49 27.20 -20.94
C GLY B 100 22.87 26.51 -22.14
N LYS B 101 23.35 25.31 -22.45
CA LYS B 101 22.91 24.60 -23.65
C LYS B 101 21.61 23.88 -23.37
N GLU B 102 20.77 23.76 -24.42
CA GLU B 102 19.55 23.00 -24.30
C GLU B 102 19.85 21.52 -24.36
N LEU B 103 19.21 20.76 -23.49
CA LEU B 103 19.19 19.30 -23.58
C LEU B 103 18.17 18.90 -24.66
N VAL B 104 18.65 18.22 -25.70
CA VAL B 104 17.85 17.97 -26.90
C VAL B 104 17.68 16.47 -27.07
N GLY B 105 16.44 16.03 -27.15
CA GLY B 105 16.18 14.61 -27.24
C GLY B 105 16.03 13.96 -25.88
N ILE B 106 15.24 12.89 -25.85
CA ILE B 106 14.88 12.31 -24.56
C ILE B 106 16.09 11.78 -23.83
N GLU B 107 17.10 11.28 -24.55
CA GLU B 107 18.29 10.76 -23.86
C GLU B 107 19.01 11.87 -23.11
N GLN B 108 19.25 13.02 -23.76
CA GLN B 108 19.91 14.12 -23.07
C GLN B 108 19.02 14.68 -21.95
N ILE B 109 17.72 14.76 -22.19
CA ILE B 109 16.81 15.30 -21.19
C ILE B 109 16.83 14.43 -19.93
N GLN B 110 16.65 13.12 -20.08
CA GLN B 110 16.59 12.25 -18.91
C GLN B 110 17.94 12.16 -18.22
N LEU B 111 19.02 12.02 -19.00
CA LEU B 111 20.35 11.93 -18.39
C LEU B 111 20.72 13.22 -17.68
N GLY B 112 20.44 14.35 -18.32
CA GLY B 112 20.75 15.63 -17.72
C GLY B 112 19.97 15.87 -16.43
N LEU B 113 18.70 15.48 -16.41
CA LEU B 113 17.89 15.67 -15.21
C LEU B 113 18.44 14.87 -14.03
N ILE B 114 18.82 13.60 -14.26
CA ILE B 114 19.30 12.84 -13.11
C ILE B 114 20.64 13.40 -12.63
N GLY B 115 21.48 13.90 -13.54
CA GLY B 115 22.67 14.61 -13.10
C GLY B 115 22.34 15.81 -12.24
N MET B 116 21.40 16.63 -12.69
CA MET B 116 21.00 17.78 -11.89
C MET B 116 20.43 17.36 -10.55
N GLN B 117 19.61 16.30 -10.53
CA GLN B 117 18.98 15.87 -9.28
C GLN B 117 20.01 15.40 -8.26
N LEU B 118 20.99 14.62 -8.70
CA LEU B 118 22.03 14.17 -7.77
C LEU B 118 22.92 15.32 -7.31
N ALA B 119 23.29 16.22 -8.21
CA ALA B 119 24.12 17.35 -7.82
C ALA B 119 23.36 18.29 -6.89
N LEU B 120 22.05 18.47 -7.11
CA LEU B 120 21.28 19.31 -6.21
C LEU B 120 21.12 18.64 -4.84
N THR B 121 21.06 17.31 -4.82
CA THR B 121 21.04 16.61 -3.53
C THR B 121 22.32 16.91 -2.75
N ALA B 122 23.47 16.94 -3.43
CA ALA B 122 24.71 17.28 -2.76
C ALA B 122 24.70 18.73 -2.28
N LEU B 123 24.06 19.62 -3.03
CA LEU B 123 23.99 21.02 -2.61
C LEU B 123 23.27 21.12 -1.27
N TRP B 124 22.04 20.62 -1.21
CA TRP B 124 21.30 20.63 0.06
C TRP B 124 22.15 20.01 1.17
N ARG B 125 22.78 18.87 0.88
CA ARG B 125 23.60 18.21 1.88
C ARG B 125 24.68 19.12 2.42
N SER B 126 25.28 19.94 1.55
CA SER B 126 26.36 20.81 1.98
C SER B 126 25.86 21.91 2.92
N TYR B 127 24.56 22.15 2.97
CA TYR B 127 23.97 23.10 3.92
C TYR B 127 23.23 22.38 5.03
N GLY B 128 23.48 21.09 5.20
CA GLY B 128 23.01 20.35 6.36
C GLY B 128 21.66 19.70 6.20
N VAL B 129 21.09 19.72 4.99
CA VAL B 129 19.75 19.19 4.74
C VAL B 129 19.89 17.86 4.00
N THR B 130 19.39 16.80 4.61
CA THR B 130 19.44 15.46 4.05
C THR B 130 18.11 14.78 4.28
N PRO B 131 17.72 13.86 3.40
CA PRO B 131 16.40 13.25 3.51
C PRO B 131 16.36 12.10 4.51
N ASP B 132 15.29 12.09 5.31
CA ASP B 132 14.97 10.91 6.12
C ASP B 132 14.31 9.83 5.28
N ALA B 133 13.66 10.21 4.18
CA ALA B 133 13.05 9.28 3.23
C ALA B 133 13.02 9.97 1.88
N VAL B 134 12.95 9.18 0.82
CA VAL B 134 12.85 9.73 -0.53
C VAL B 134 11.64 9.15 -1.25
N ILE B 135 11.10 9.94 -2.18
CA ILE B 135 10.06 9.53 -3.09
C ILE B 135 10.51 9.91 -4.50
N GLY B 136 10.49 8.93 -5.41
CA GLY B 136 10.71 9.19 -6.81
C GLY B 136 9.45 9.11 -7.65
N HIS B 137 9.15 10.19 -8.36
CA HIS B 137 7.98 10.34 -9.22
C HIS B 137 8.37 9.95 -10.64
N SER B 138 7.73 8.91 -11.16
CA SER B 138 7.97 8.44 -12.53
C SER B 138 9.48 8.20 -12.70
N MET B 139 10.12 8.75 -13.73
CA MET B 139 11.53 8.43 -13.94
C MET B 139 12.42 8.92 -12.81
N GLY B 140 11.96 9.88 -12.02
CA GLY B 140 12.72 10.31 -10.84
C GLY B 140 12.96 9.22 -9.80
N GLU B 141 12.32 8.06 -9.93
CA GLU B 141 12.59 6.99 -8.98
C GLU B 141 14.02 6.46 -9.10
N VAL B 142 14.63 6.64 -10.27
CA VAL B 142 16.04 6.24 -10.39
C VAL B 142 16.91 7.08 -9.46
N ALA B 143 16.78 8.40 -9.57
CA ALA B 143 17.53 9.28 -8.68
C ALA B 143 17.22 8.97 -7.23
N ALA B 144 15.94 8.71 -6.92
CA ALA B 144 15.56 8.34 -5.54
C ALA B 144 16.33 7.10 -5.07
N ALA B 145 16.36 6.06 -5.89
CA ALA B 145 17.05 4.84 -5.54
C ALA B 145 18.54 5.07 -5.36
N VAL B 146 19.14 5.99 -6.14
CA VAL B 146 20.55 6.31 -5.96
C VAL B 146 20.76 6.94 -4.58
N VAL B 147 19.98 7.96 -4.27
CA VAL B 147 20.15 8.69 -3.02
C VAL B 147 19.82 7.80 -1.83
N ALA B 148 18.84 6.92 -1.97
CA ALA B 148 18.53 5.97 -0.91
C ALA B 148 19.60 4.89 -0.77
N GLY B 149 20.52 4.78 -1.72
CA GLY B 149 21.61 3.83 -1.63
C GLY B 149 21.33 2.50 -2.29
N ALA B 150 20.19 2.32 -2.93
CA ALA B 150 19.95 1.07 -3.64
C ALA B 150 20.80 0.98 -4.91
N LEU B 151 21.18 2.12 -5.47
CA LEU B 151 22.01 2.18 -6.66
C LEU B 151 23.12 3.18 -6.46
N THR B 152 24.24 2.96 -7.12
CA THR B 152 25.29 3.96 -7.19
C THR B 152 24.94 5.00 -8.24
N PRO B 153 25.59 6.19 -8.22
CA PRO B 153 25.35 7.15 -9.32
C PRO B 153 25.59 6.55 -10.71
N ALA B 154 26.64 5.72 -10.85
CA ALA B 154 26.92 5.11 -12.14
C ALA B 154 25.79 4.21 -12.59
N GLN B 155 25.28 3.40 -11.68
CA GLN B 155 24.14 2.55 -12.01
C GLN B 155 22.94 3.40 -12.37
N GLY B 156 22.72 4.49 -11.64
CA GLY B 156 21.61 5.38 -12.00
C GLY B 156 21.73 5.90 -13.41
N LEU B 157 22.92 6.37 -13.78
CA LEU B 157 23.14 6.83 -15.15
C LEU B 157 22.90 5.70 -16.15
N ARG B 158 23.36 4.49 -15.82
CA ARG B 158 23.16 3.33 -16.67
C ARG B 158 21.68 3.07 -16.91
N VAL B 159 20.89 2.98 -15.84
CA VAL B 159 19.46 2.76 -16.02
C VAL B 159 18.87 3.85 -16.91
N THR B 160 19.22 5.10 -16.63
CA THR B 160 18.66 6.22 -17.39
C THR B 160 19.08 6.16 -18.85
N ALA B 161 20.33 5.81 -19.11
CA ALA B 161 20.82 5.75 -20.49
C ALA B 161 20.13 4.65 -21.28
N VAL B 162 19.98 3.47 -20.69
CA VAL B 162 19.31 2.37 -21.37
C VAL B 162 17.87 2.74 -21.65
N ARG B 163 17.14 3.18 -20.63
CA ARG B 163 15.71 3.41 -20.79
C ARG B 163 15.45 4.47 -21.83
N SER B 164 16.19 5.58 -21.75
CA SER B 164 15.95 6.68 -22.66
C SER B 164 16.34 6.33 -24.09
N ARG B 165 17.41 5.57 -24.26
CA ARG B 165 17.75 5.09 -25.60
C ARG B 165 16.65 4.21 -26.18
N LEU B 166 16.00 3.40 -25.32
CA LEU B 166 14.94 2.54 -25.81
C LEU B 166 13.68 3.35 -26.11
N MET B 167 13.43 4.42 -25.36
CA MET B 167 12.25 5.24 -25.60
C MET B 167 12.41 6.22 -26.74
N ALA B 168 13.67 6.58 -27.07
CA ALA B 168 13.90 7.65 -28.05
C ALA B 168 13.23 7.40 -29.40
N PRO B 169 13.31 6.22 -30.01
CA PRO B 169 12.69 6.05 -31.33
C PRO B 169 11.17 6.23 -31.33
N LEU B 170 10.53 6.27 -30.16
CA LEU B 170 9.09 6.49 -30.06
C LEU B 170 8.73 7.97 -30.01
N SER B 171 9.70 8.87 -30.02
CA SER B 171 9.41 10.30 -29.93
C SER B 171 8.39 10.72 -30.98
N GLY B 172 7.41 11.52 -30.55
CA GLY B 172 6.33 11.96 -31.40
C GLY B 172 5.12 11.05 -31.45
N GLN B 173 5.21 9.85 -30.86
CA GLN B 173 4.11 8.91 -30.93
C GLN B 173 3.24 8.90 -29.68
N GLY B 174 3.67 9.54 -28.59
CA GLY B 174 2.85 9.63 -27.41
C GLY B 174 3.11 10.94 -26.68
N THR B 175 2.24 11.21 -25.71
CA THR B 175 2.39 12.37 -24.83
C THR B 175 1.53 12.11 -23.60
N MET B 176 1.44 13.10 -22.73
CA MET B 176 0.64 12.99 -21.52
C MET B 176 -0.06 14.31 -21.29
N ALA B 177 -1.06 14.29 -20.40
CA ALA B 177 -1.82 15.49 -20.11
C ALA B 177 -2.27 15.46 -18.65
N LEU B 178 -2.13 16.60 -17.98
CA LEU B 178 -2.57 16.79 -16.61
C LEU B 178 -4.02 17.27 -16.63
N LEU B 179 -4.89 16.61 -15.85
CA LEU B 179 -6.30 16.90 -15.82
C LEU B 179 -6.73 17.27 -14.40
N GLU B 180 -7.69 18.18 -14.30
CA GLU B 180 -8.30 18.51 -13.01
C GLU B 180 -9.47 17.56 -12.72
N LEU B 181 -9.11 16.28 -12.63
CA LEU B 181 -10.05 15.21 -12.32
C LEU B 181 -9.37 14.26 -11.33
N ASP B 182 -10.16 13.63 -10.47
CA ASP B 182 -9.62 12.58 -9.61
C ASP B 182 -9.48 11.30 -10.41
N ALA B 183 -8.92 10.27 -9.77
CA ALA B 183 -8.63 9.01 -10.47
C ALA B 183 -9.89 8.39 -11.06
N GLU B 184 -10.98 8.29 -10.27
CA GLU B 184 -12.15 7.59 -10.79
C GLU B 184 -12.85 8.41 -11.88
N ALA B 185 -12.80 9.74 -11.79
CA ALA B 185 -13.34 10.54 -12.88
C ALA B 185 -12.50 10.38 -14.15
N THR B 186 -11.17 10.32 -13.99
CA THR B 186 -10.28 10.08 -15.13
C THR B 186 -10.54 8.72 -15.74
N GLU B 187 -10.73 7.70 -14.90
N GLU B 187 -10.74 7.70 -14.91
CA GLU B 187 -11.00 6.37 -15.43
CA GLU B 187 -11.01 6.36 -15.40
C GLU B 187 -12.31 6.34 -16.22
C GLU B 187 -12.31 6.33 -16.20
N ALA B 188 -13.32 7.08 -15.76
CA ALA B 188 -14.55 7.16 -16.53
C ALA B 188 -14.31 7.86 -17.86
N LEU B 189 -13.58 8.96 -17.82
CA LEU B 189 -13.24 9.71 -19.03
C LEU B 189 -12.61 8.82 -20.10
N ILE B 190 -11.70 7.94 -19.71
CA ILE B 190 -10.93 7.16 -20.68
C ILE B 190 -11.46 5.75 -20.87
N ALA B 191 -12.68 5.46 -20.41
CA ALA B 191 -13.22 4.11 -20.49
C ALA B 191 -13.24 3.61 -21.93
N ASP B 192 -13.53 4.49 -22.88
CA ASP B 192 -13.65 4.10 -24.28
C ASP B 192 -12.38 4.38 -25.09
N TYR B 193 -11.24 4.60 -24.42
CA TYR B 193 -9.98 4.95 -25.05
C TYR B 193 -8.93 3.93 -24.65
N PRO B 194 -8.99 2.72 -25.22
CA PRO B 194 -8.10 1.65 -24.76
C PRO B 194 -6.62 1.93 -24.94
N GLU B 195 -6.23 2.86 -25.82
CA GLU B 195 -4.84 3.22 -25.99
C GLU B 195 -4.39 4.29 -25.00
N VAL B 196 -5.31 4.86 -24.23
CA VAL B 196 -5.01 5.91 -23.26
C VAL B 196 -5.06 5.28 -21.88
N SER B 197 -4.10 5.63 -21.04
CA SER B 197 -3.97 5.06 -19.71
C SER B 197 -4.02 6.15 -18.65
N LEU B 198 -4.38 5.77 -17.43
CA LEU B 198 -4.18 6.63 -16.28
C LEU B 198 -2.70 6.54 -15.95
N GLY B 199 -1.97 7.63 -16.12
CA GLY B 199 -0.53 7.58 -16.07
C GLY B 199 0.05 7.88 -14.71
N ILE B 200 -0.50 8.88 -14.05
CA ILE B 200 0.01 9.32 -12.76
C ILE B 200 -1.18 9.65 -11.86
N TYR B 201 -1.23 9.01 -10.69
CA TYR B 201 -2.12 9.46 -9.61
C TYR B 201 -1.41 10.63 -8.94
N ALA B 202 -1.76 11.85 -9.32
CA ALA B 202 -0.96 12.99 -8.90
C ALA B 202 -1.37 13.51 -7.52
N SER B 203 -2.66 13.62 -7.28
CA SER B 203 -3.23 14.11 -6.04
C SER B 203 -4.67 13.63 -5.99
N PRO B 204 -5.44 14.00 -4.97
CA PRO B 204 -6.89 13.72 -5.01
C PRO B 204 -7.63 14.57 -6.01
N ARG B 205 -7.01 15.64 -6.51
CA ARG B 205 -7.68 16.58 -7.40
C ARG B 205 -7.20 16.49 -8.84
N GLN B 206 -6.02 15.92 -9.08
CA GLN B 206 -5.41 15.93 -10.40
C GLN B 206 -4.91 14.55 -10.76
N THR B 207 -5.02 14.21 -12.05
CA THR B 207 -4.55 12.94 -12.58
C THR B 207 -3.93 13.20 -13.95
N VAL B 208 -2.94 12.40 -14.30
CA VAL B 208 -2.28 12.50 -15.59
C VAL B 208 -2.66 11.31 -16.45
N ILE B 209 -3.05 11.58 -17.70
CA ILE B 209 -3.31 10.52 -18.68
C ILE B 209 -2.16 10.49 -19.67
N SER B 210 -2.01 9.34 -20.32
CA SER B 210 -0.88 9.09 -21.22
C SER B 210 -1.38 8.33 -22.42
N GLY B 211 -0.84 8.66 -23.60
CA GLY B 211 -1.20 7.93 -24.79
C GLY B 211 -0.89 8.67 -26.07
N PRO B 212 -1.47 8.22 -27.18
CA PRO B 212 -1.22 8.87 -28.48
C PRO B 212 -1.65 10.32 -28.48
N PRO B 213 -0.84 11.19 -29.12
CA PRO B 213 -1.07 12.63 -28.94
C PRO B 213 -2.41 13.11 -29.46
N LEU B 214 -2.90 12.54 -30.56
CA LEU B 214 -4.20 12.95 -31.08
C LEU B 214 -5.31 12.60 -30.08
N LEU B 215 -5.22 11.43 -29.45
CA LEU B 215 -6.23 11.02 -28.47
C LEU B 215 -6.11 11.83 -27.19
N ILE B 216 -4.89 12.14 -26.77
CA ILE B 216 -4.71 13.00 -25.60
C ILE B 216 -5.30 14.37 -25.88
N ASP B 217 -5.05 14.90 -27.06
CA ASP B 217 -5.62 16.19 -27.43
C ASP B 217 -7.13 16.15 -27.41
N GLU B 218 -7.71 15.05 -27.91
CA GLU B 218 -9.17 14.89 -27.89
C GLU B 218 -9.71 14.92 -26.47
N LEU B 219 -9.00 14.29 -25.53
CA LEU B 219 -9.46 14.26 -24.15
C LEU B 219 -9.20 15.59 -23.43
N ILE B 220 -8.11 16.28 -23.74
CA ILE B 220 -7.97 17.65 -23.24
C ILE B 220 -9.14 18.50 -23.74
N ASP B 221 -9.50 18.35 -25.02
CA ASP B 221 -10.65 19.06 -25.56
C ASP B 221 -11.90 18.76 -24.77
N LYS B 222 -12.13 17.47 -24.47
CA LYS B 222 -13.36 17.08 -23.78
C LYS B 222 -13.40 17.62 -22.36
N VAL B 223 -12.30 17.46 -21.62
CA VAL B 223 -12.25 17.98 -20.26
C VAL B 223 -12.51 19.48 -20.25
N ARG B 224 -11.96 20.21 -21.22
CA ARG B 224 -12.24 21.63 -21.29
C ARG B 224 -13.68 21.89 -21.70
N GLN B 225 -14.20 21.13 -22.67
CA GLN B 225 -15.58 21.33 -23.12
C GLN B 225 -16.56 21.13 -21.97
N GLN B 226 -16.22 20.24 -21.03
CA GLN B 226 -17.04 19.96 -19.86
C GLN B 226 -16.65 20.81 -18.65
N ASN B 227 -15.93 21.92 -18.89
CA ASN B 227 -15.67 22.99 -17.94
C ASN B 227 -14.65 22.65 -16.87
N GLY B 228 -13.73 21.74 -17.16
CA GLY B 228 -12.60 21.46 -16.30
C GLY B 228 -11.31 21.99 -16.91
N PHE B 229 -10.22 21.88 -16.13
CA PHE B 229 -8.90 22.28 -16.58
C PHE B 229 -8.11 21.07 -17.04
N ALA B 230 -7.27 21.26 -18.07
CA ALA B 230 -6.39 20.21 -18.54
C ALA B 230 -5.27 20.83 -19.36
N THR B 231 -4.06 20.28 -19.21
CA THR B 231 -2.89 20.77 -19.91
C THR B 231 -2.10 19.62 -20.49
N ARG B 232 -1.38 19.89 -21.57
CA ARG B 232 -0.42 18.94 -22.11
C ARG B 232 0.82 18.90 -21.22
N VAL B 233 1.35 17.72 -21.00
CA VAL B 233 2.65 17.57 -20.35
C VAL B 233 3.75 17.71 -21.40
N ASN B 234 4.86 18.36 -21.03
CA ASN B 234 5.96 18.61 -21.97
C ASN B 234 6.76 17.30 -22.11
N ILE B 235 6.22 16.41 -22.93
CA ILE B 235 6.83 15.09 -23.12
C ILE B 235 6.34 14.54 -24.44
N GLU B 236 7.21 13.78 -25.13
CA GLU B 236 6.92 13.33 -26.49
C GLU B 236 6.86 11.82 -26.61
N VAL B 237 6.71 11.13 -25.48
CA VAL B 237 6.43 9.70 -25.43
C VAL B 237 5.34 9.48 -24.39
N ALA B 238 4.76 8.26 -24.40
CA ALA B 238 3.68 7.93 -23.49
C ALA B 238 4.17 6.88 -22.49
N PRO B 239 4.89 7.28 -21.46
CA PRO B 239 5.28 6.31 -20.42
C PRO B 239 4.04 5.93 -19.62
N HIS B 240 4.20 4.88 -18.80
CA HIS B 240 3.13 4.43 -17.91
C HIS B 240 1.86 4.07 -18.68
N ASN B 241 2.03 3.25 -19.72
CA ASN B 241 1.04 3.03 -20.77
C ASN B 241 1.43 1.74 -21.48
N PRO B 242 0.48 1.06 -22.13
CA PRO B 242 0.83 -0.13 -22.91
C PRO B 242 1.94 0.08 -23.92
N ALA B 243 2.13 1.32 -24.40
CA ALA B 243 3.20 1.60 -25.34
C ALA B 243 4.55 1.13 -24.81
N MET B 244 4.68 1.06 -23.49
CA MET B 244 5.95 0.69 -22.87
C MET B 244 6.14 -0.82 -22.78
N ASP B 245 5.06 -1.60 -22.93
CA ASP B 245 5.19 -3.06 -22.92
C ASP B 245 6.30 -3.52 -23.86
N ALA B 246 6.33 -2.96 -25.07
CA ALA B 246 7.24 -3.45 -26.10
C ALA B 246 8.69 -3.31 -25.69
N LEU B 247 8.98 -2.35 -24.81
CA LEU B 247 10.33 -2.03 -24.41
C LEU B 247 10.84 -2.90 -23.27
N GLN B 248 9.97 -3.61 -22.58
CA GLN B 248 10.38 -4.26 -21.34
C GLN B 248 11.36 -5.40 -21.58
N PRO B 249 11.20 -6.24 -22.60
CA PRO B 249 12.22 -7.28 -22.84
C PRO B 249 13.61 -6.69 -22.99
N ALA B 250 13.76 -5.64 -23.81
CA ALA B 250 15.07 -5.04 -23.98
C ALA B 250 15.59 -4.44 -22.68
N MET B 251 14.72 -3.78 -21.91
CA MET B 251 15.13 -3.27 -20.61
C MET B 251 15.74 -4.37 -19.77
N ARG B 252 15.05 -5.53 -19.69
CA ARG B 252 15.53 -6.58 -18.81
C ARG B 252 16.80 -7.23 -19.33
N SER B 253 16.96 -7.32 -20.66
CA SER B 253 18.21 -7.85 -21.20
C SER B 253 19.36 -6.89 -20.92
N GLU B 254 19.20 -5.62 -21.28
CA GLU B 254 20.30 -4.68 -21.20
C GLU B 254 20.67 -4.34 -19.78
N LEU B 255 19.72 -4.44 -18.85
CA LEU B 255 20.00 -4.20 -17.44
C LEU B 255 20.18 -5.50 -16.65
N ALA B 256 20.36 -6.63 -17.33
CA ALA B 256 20.43 -7.90 -16.63
C ALA B 256 21.56 -7.91 -15.62
N ASP B 257 22.68 -7.25 -15.94
CA ASP B 257 23.84 -7.22 -15.04
C ASP B 257 23.69 -6.22 -13.89
N LEU B 258 22.68 -5.35 -13.93
CA LEU B 258 22.45 -4.40 -12.87
C LEU B 258 22.29 -5.15 -11.53
N THR B 259 23.18 -4.88 -10.59
CA THR B 259 23.15 -5.57 -9.30
C THR B 259 22.97 -4.51 -8.22
N PRO B 260 21.76 -4.27 -7.78
CA PRO B 260 21.51 -3.21 -6.79
C PRO B 260 21.78 -3.73 -5.38
N GLN B 261 21.57 -2.87 -4.39
CA GLN B 261 21.68 -3.21 -2.98
C GLN B 261 20.43 -2.78 -2.23
N PRO B 262 20.20 -3.31 -1.03
CA PRO B 262 19.07 -2.86 -0.23
C PRO B 262 19.24 -1.39 0.11
N PRO B 263 18.18 -0.59 0.06
CA PRO B 263 18.34 0.84 0.40
C PRO B 263 18.74 1.03 1.84
N THR B 264 19.48 2.11 2.07
CA THR B 264 19.86 2.50 3.43
C THR B 264 18.97 3.60 3.99
N ILE B 265 18.32 4.39 3.13
CA ILE B 265 17.32 5.38 3.52
C ILE B 265 15.96 4.86 3.06
N PRO B 266 14.89 5.05 3.81
CA PRO B 266 13.58 4.58 3.34
C PRO B 266 13.21 5.23 2.02
N ILE B 267 12.84 4.40 1.05
CA ILE B 267 12.35 4.88 -0.23
C ILE B 267 10.93 4.37 -0.40
N ILE B 268 9.98 5.30 -0.58
CA ILE B 268 8.59 4.98 -0.87
C ILE B 268 8.47 4.93 -2.39
N SER B 269 8.27 3.74 -2.94
CA SER B 269 8.22 3.56 -4.38
C SER B 269 6.86 3.98 -4.92
N THR B 270 6.86 4.68 -6.04
CA THR B 270 5.62 5.00 -6.75
C THR B 270 5.31 4.00 -7.87
N THR B 271 6.12 2.94 -7.99
CA THR B 271 5.96 1.97 -9.05
C THR B 271 4.86 0.97 -8.76
N TYR B 272 4.60 0.69 -7.50
CA TYR B 272 3.69 -0.39 -7.13
C TYR B 272 2.53 0.14 -6.29
N ALA B 273 1.40 -0.56 -6.37
CA ALA B 273 0.24 -0.19 -5.57
C ALA B 273 0.58 -0.20 -4.08
N ASP B 274 1.40 -1.15 -3.64
CA ASP B 274 1.73 -1.26 -2.22
C ASP B 274 2.92 -0.39 -1.84
N LEU B 275 3.31 0.53 -2.72
CA LEU B 275 4.39 1.49 -2.51
C LEU B 275 5.75 0.82 -2.25
N GLY B 276 5.87 -0.47 -2.51
CA GLY B 276 7.11 -1.17 -2.29
C GLY B 276 7.55 -1.25 -0.85
N ILE B 277 6.62 -1.16 0.11
CA ILE B 277 6.98 -1.11 1.52
C ILE B 277 6.19 -2.15 2.30
N SER B 278 5.79 -3.24 1.63
CA SER B 278 5.05 -4.29 2.30
C SER B 278 5.97 -5.11 3.20
N LEU B 279 5.36 -5.72 4.20
CA LEU B 279 6.07 -6.64 5.08
C LEU B 279 6.65 -7.80 4.27
N GLY B 280 7.74 -8.37 4.80
CA GLY B 280 8.44 -9.47 4.14
C GLY B 280 9.64 -9.00 3.34
N SER B 281 9.79 -9.53 2.13
CA SER B 281 10.89 -9.11 1.27
C SER B 281 10.88 -7.61 1.05
N GLY B 282 12.06 -7.05 0.92
CA GLY B 282 12.20 -5.67 0.50
C GLY B 282 12.21 -5.58 -1.01
N PRO B 283 12.09 -4.35 -1.53
CA PRO B 283 12.07 -4.18 -2.99
C PRO B 283 13.48 -4.23 -3.56
N ARG B 284 13.63 -4.91 -4.69
CA ARG B 284 14.91 -5.06 -5.37
C ARG B 284 14.90 -4.16 -6.60
N PHE B 285 15.74 -3.13 -6.59
CA PHE B 285 15.73 -2.13 -7.68
C PHE B 285 16.58 -2.59 -8.86
N ASP B 286 16.17 -3.70 -9.43
CA ASP B 286 16.89 -4.39 -10.49
C ASP B 286 16.22 -4.12 -11.84
N ALA B 287 16.66 -4.83 -12.87
CA ALA B 287 16.17 -4.59 -14.23
C ALA B 287 14.65 -4.73 -14.28
N GLU B 288 14.11 -5.80 -13.68
CA GLU B 288 12.67 -5.98 -13.66
C GLU B 288 11.99 -4.77 -13.03
N HIS B 289 12.58 -4.23 -11.95
CA HIS B 289 11.96 -3.08 -11.30
C HIS B 289 11.86 -1.88 -12.25
N TRP B 290 12.97 -1.58 -12.96
CA TRP B 290 12.97 -0.40 -13.84
C TRP B 290 12.10 -0.62 -15.07
N ALA B 291 12.03 -1.85 -15.59
CA ALA B 291 11.06 -2.17 -16.64
C ALA B 291 9.64 -1.97 -16.15
N THR B 292 9.36 -2.33 -14.89
CA THR B 292 8.03 -2.15 -14.32
C THR B 292 7.74 -0.69 -14.01
N ASN B 293 8.76 0.04 -13.52
CA ASN B 293 8.57 1.46 -13.19
C ASN B 293 8.13 2.28 -14.41
N MET B 294 8.72 2.01 -15.58
CA MET B 294 8.34 2.80 -16.76
C MET B 294 6.96 2.43 -17.29
N ARG B 295 6.42 1.27 -16.89
CA ARG B 295 5.13 0.82 -17.40
C ARG B 295 3.98 1.09 -16.44
N ASN B 296 4.19 0.86 -15.14
CA ASN B 296 3.12 0.96 -14.17
C ASN B 296 2.69 2.41 -13.98
N PRO B 297 1.43 2.64 -13.60
CA PRO B 297 1.04 4.00 -13.21
C PRO B 297 1.80 4.45 -11.97
N VAL B 298 1.94 5.77 -11.87
CA VAL B 298 2.77 6.38 -10.84
C VAL B 298 1.88 6.68 -9.63
N ARG B 299 2.19 6.07 -8.49
CA ARG B 299 1.36 6.20 -7.29
C ARG B 299 1.89 7.37 -6.44
N PHE B 300 1.89 8.56 -7.05
CA PHE B 300 2.48 9.72 -6.40
C PHE B 300 1.62 10.18 -5.23
N HIS B 301 0.32 10.35 -5.46
CA HIS B 301 -0.61 10.71 -4.39
C HIS B 301 -0.46 9.78 -3.19
N GLN B 302 -0.44 8.48 -3.43
CA GLN B 302 -0.42 7.51 -2.34
C GLN B 302 0.93 7.54 -1.61
N ALA B 303 2.03 7.76 -2.32
CA ALA B 303 3.33 7.84 -1.66
C ALA B 303 3.46 9.09 -0.78
N ILE B 304 3.02 10.25 -1.28
CA ILE B 304 3.04 11.46 -0.45
C ILE B 304 2.16 11.28 0.80
N ALA B 305 0.94 10.79 0.61
CA ALA B 305 0.04 10.59 1.75
C ALA B 305 0.72 9.73 2.82
N HIS B 306 1.32 8.62 2.40
CA HIS B 306 2.01 7.75 3.34
C HIS B 306 3.12 8.50 4.05
N ALA B 307 3.94 9.24 3.29
CA ALA B 307 5.08 9.92 3.87
C ALA B 307 4.66 11.04 4.82
N GLY B 308 3.54 11.69 4.54
CA GLY B 308 3.08 12.77 5.41
C GLY B 308 2.59 12.34 6.79
N ALA B 309 2.46 11.04 7.04
CA ALA B 309 2.04 10.59 8.36
C ALA B 309 3.03 11.03 9.42
N ASP B 310 4.34 10.90 9.14
CA ASP B 310 5.38 11.21 10.13
C ASP B 310 6.50 12.08 9.57
N HIS B 311 6.34 12.64 8.39
CA HIS B 311 7.29 13.59 7.82
C HIS B 311 6.53 14.86 7.43
N HIS B 312 7.08 16.01 7.79
CA HIS B 312 6.37 17.28 7.59
C HIS B 312 7.05 18.26 6.64
N THR B 313 8.28 18.01 6.23
CA THR B 313 8.96 18.87 5.27
C THR B 313 9.18 18.07 4.00
N PHE B 314 8.62 18.56 2.89
CA PHE B 314 8.80 17.96 1.57
C PHE B 314 9.54 18.92 0.66
N ILE B 315 10.65 18.44 0.08
CA ILE B 315 11.52 19.26 -0.77
C ILE B 315 11.58 18.61 -2.14
N GLU B 316 11.08 19.30 -3.15
CA GLU B 316 11.19 18.81 -4.50
C GLU B 316 12.59 19.10 -5.02
N ILE B 317 13.28 18.05 -5.47
CA ILE B 317 14.65 18.16 -5.96
C ILE B 317 14.53 18.29 -7.48
N SER B 318 14.40 19.52 -7.95
CA SER B 318 14.21 19.75 -9.37
C SER B 318 14.72 21.13 -9.76
N ALA B 319 14.71 21.39 -11.07
CA ALA B 319 15.08 22.70 -11.60
C ALA B 319 13.94 23.70 -11.54
N HIS B 320 12.69 23.21 -11.39
CA HIS B 320 11.54 24.10 -11.29
C HIS B 320 10.43 23.37 -10.56
N PRO B 321 9.81 23.96 -9.56
CA PRO B 321 8.78 23.23 -8.81
C PRO B 321 7.53 22.97 -9.64
N LEU B 322 7.28 21.72 -10.02
CA LEU B 322 6.04 21.36 -10.68
C LEU B 322 5.18 20.40 -9.86
N LEU B 323 5.72 19.81 -8.80
CA LEU B 323 4.97 18.86 -7.98
C LEU B 323 4.50 19.43 -6.65
N THR B 324 5.00 20.60 -6.25
CA THR B 324 4.74 21.08 -4.89
C THR B 324 3.26 21.40 -4.66
N HIS B 325 2.54 21.81 -5.72
CA HIS B 325 1.11 22.03 -5.59
C HIS B 325 0.37 20.71 -5.36
N SER B 326 0.73 19.67 -6.12
CA SER B 326 0.15 18.35 -5.90
C SER B 326 0.44 17.85 -4.49
N ILE B 327 1.68 18.03 -4.03
CA ILE B 327 2.05 17.58 -2.68
C ILE B 327 1.12 18.21 -1.63
N SER B 328 0.95 19.53 -1.69
CA SER B 328 0.11 20.21 -0.71
C SER B 328 -1.34 19.77 -0.81
N ASP B 329 -1.85 19.58 -2.03
CA ASP B 329 -3.21 19.08 -2.18
C ASP B 329 -3.40 17.74 -1.48
N THR B 330 -2.44 16.83 -1.65
CA THR B 330 -2.53 15.53 -1.01
C THR B 330 -2.44 15.66 0.50
N LEU B 331 -1.48 16.47 0.98
CA LEU B 331 -1.32 16.64 2.41
C LEU B 331 -2.57 17.23 3.05
N ARG B 332 -3.13 18.28 2.45
CA ARG B 332 -4.32 18.90 3.02
C ARG B 332 -5.51 17.96 3.02
N ALA B 333 -5.44 16.84 2.31
CA ALA B 333 -6.53 15.87 2.30
C ALA B 333 -6.53 14.98 3.53
N SER B 334 -5.39 14.82 4.19
CA SER B 334 -5.28 13.95 5.36
C SER B 334 -4.83 14.66 6.62
N TYR B 335 -3.96 15.65 6.51
CA TYR B 335 -3.30 16.25 7.66
C TYR B 335 -3.62 17.75 7.73
N ASP B 336 -3.14 18.39 8.80
CA ASP B 336 -3.24 19.83 8.96
C ASP B 336 -1.99 20.47 8.39
N VAL B 337 -2.12 21.05 7.19
CA VAL B 337 -0.95 21.54 6.47
C VAL B 337 -0.30 22.75 7.13
N ASP B 338 -0.93 23.33 8.15
CA ASP B 338 -0.25 24.37 8.92
C ASP B 338 1.05 23.84 9.52
N ASN B 339 1.16 22.53 9.70
CA ASN B 339 2.33 21.91 10.30
C ASN B 339 3.27 21.33 9.26
N TYR B 340 3.05 21.62 7.98
CA TYR B 340 3.82 21.04 6.89
C TYR B 340 4.44 22.13 6.03
N LEU B 341 5.48 21.74 5.30
CA LEU B 341 6.21 22.64 4.40
C LEU B 341 6.47 21.88 3.11
N SER B 342 6.11 22.50 1.98
CA SER B 342 6.30 21.90 0.66
C SER B 342 6.99 22.93 -0.23
N ILE B 343 8.29 22.75 -0.46
CA ILE B 343 9.11 23.70 -1.19
C ILE B 343 9.87 23.00 -2.31
N GLY B 344 10.43 23.80 -3.19
CA GLY B 344 11.30 23.32 -4.25
C GLY B 344 12.76 23.62 -3.98
N THR B 345 13.58 23.36 -5.01
CA THR B 345 15.02 23.61 -4.95
C THR B 345 15.40 24.79 -5.83
N LEU B 346 15.16 24.71 -7.14
CA LEU B 346 15.38 25.83 -8.04
C LEU B 346 14.07 26.21 -8.71
N GLN B 347 14.04 27.39 -9.29
CA GLN B 347 12.88 27.89 -10.02
C GLN B 347 13.32 28.64 -11.26
N ARG B 348 12.45 28.60 -12.28
CA ARG B 348 12.74 29.20 -13.58
C ARG B 348 12.86 30.72 -13.51
N ASP B 349 12.11 31.36 -12.62
CA ASP B 349 12.11 32.81 -12.51
C ASP B 349 13.04 33.28 -11.41
N ALA B 350 13.71 34.41 -11.65
CA ALA B 350 14.66 34.94 -10.69
C ALA B 350 14.02 35.98 -9.78
C1 GOL C . 1.17 -7.78 4.15
O1 GOL C . 1.84 -8.64 5.04
C2 GOL C . 0.99 -6.41 4.80
O2 GOL C . -0.31 -6.05 4.69
C3 GOL C . 1.79 -5.37 4.05
O3 GOL C . 2.69 -4.74 4.89
H31 GOL C . 1.12 -4.64 3.63
H32 GOL C . 2.34 -5.86 3.24
HO3 GOL C . 2.32 -4.67 5.75
S SO4 D . -6.20 -15.03 -12.30
O1 SO4 D . -4.79 -14.71 -12.55
O2 SO4 D . -6.88 -13.86 -11.77
O3 SO4 D . -6.83 -15.45 -13.55
O4 SO4 D . -6.28 -16.13 -11.33
S SCN E . 4.49 -25.66 22.90
C SCN E . 5.61 -24.99 24.17
N SCN E . 6.31 -24.56 24.96
S SCN F . -22.62 8.15 -1.15
C SCN F . -22.05 8.83 0.42
N SCN F . -21.69 9.25 1.41
S SCN G . -4.84 6.65 17.17
C SCN G . -3.77 6.42 15.72
N SCN G . -3.09 6.28 14.82
S SCN H . -9.57 -10.42 -10.32
C SCN H . -11.32 -10.74 -10.61
N SCN H . -12.41 -10.94 -10.81
S SCN I . -15.60 -24.14 -2.83
C SCN I . -16.27 -25.79 -2.47
N SCN I . -16.69 -26.82 -2.25
S SCN J . 12.65 -11.86 2.93
C SCN J . 12.18 -13.17 1.78
N SCN J . 11.88 -13.98 1.06
S SCN K . -16.41 -8.56 -5.47
C SCN K . -15.02 -7.42 -5.43
N SCN K . -14.17 -6.70 -5.45
S SCN L . 3.62 -23.67 11.26
C SCN L . 4.20 -24.52 9.76
N SCN L . 4.58 -25.06 8.85
S SCN M . 11.85 -8.90 20.84
C SCN M . 12.50 -10.55 20.53
N SCN M . 12.91 -11.60 20.37
S SCN N . -18.35 -17.72 11.73
C SCN N . -18.24 -19.12 10.58
N SCN N . -18.16 -20.00 9.87
NA NA O . -2.61 8.42 6.44
NA NA P . 3.69 0.54 9.74
NA NA Q . 9.51 -17.34 2.57
NA NA R . 3.49 -8.84 2.46
S SCN S . 6.93 -10.62 1.03
C SCN S . 7.85 -11.39 -0.29
N SCN S . 8.45 -11.84 -1.13
C1 GOL T . 24.89 10.03 -4.55
O1 GOL T . 26.16 10.14 -3.96
C2 GOL T . 24.01 11.12 -4.03
O2 GOL T . 22.74 10.59 -3.96
C3 GOL T . 23.99 12.33 -4.94
O3 GOL T . 24.19 13.52 -4.21
H11 GOL T . 24.99 10.12 -5.63
H12 GOL T . 24.47 9.06 -4.32
HO1 GOL T . 26.73 9.43 -4.27
H2 GOL T . 24.36 11.46 -3.07
HO2 GOL T . 22.46 10.24 -4.80
H31 GOL T . 24.78 12.23 -5.68
H32 GOL T . 23.03 12.38 -5.45
HO3 GOL T . 23.92 14.27 -4.74
S SCN U . 23.57 -3.35 -16.80
C SCN U . 24.44 -2.78 -15.38
N SCN U . 24.99 -2.41 -14.48
S SCN V . 20.55 28.05 -10.74
C SCN V . 20.64 29.19 -9.33
N SCN V . 20.70 29.91 -8.46
S SCN W . 30.13 8.87 -9.95
C SCN W . 29.22 8.49 -11.44
N SCN W . 28.64 8.22 -12.35
S SCN X . 17.69 19.01 -16.44
C SCN X . 16.32 19.55 -15.38
N SCN X . 15.49 19.90 -14.72
S SCN Y . 1.47 -3.78 -5.18
C SCN Y . 2.74 -4.85 -5.86
N SCN Y . 3.54 -5.52 -6.29
S SCN Z . -9.79 5.12 -29.39
C SCN Z . -8.51 4.96 -28.16
N SCN Z . -7.71 4.89 -27.38
S SCN AA . -1.69 16.63 11.12
C SCN AA . -0.06 17.04 11.82
N SCN AA . 0.96 17.30 12.25
NA NA BA . 8.85 -6.31 -16.35
NA NA CA . -14.43 10.64 -22.78
NA NA DA . -4.38 2.04 -12.93
NA NA EA . 3.85 22.97 -8.41
#